data_7BBS
#
_entry.id   7BBS
#
_cell.length_a   92.432
_cell.length_b   138.485
_cell.length_c   114.841
_cell.angle_alpha   90.000
_cell.angle_beta   102.466
_cell.angle_gamma   90.000
#
_symmetry.space_group_name_H-M   'C 1 2 1'
#
loop_
_entity.id
_entity.type
_entity.pdbx_description
1 polymer 'Beta-glucosidase Bg10'
2 water water
#
_entity_poly.entity_id   1
_entity_poly.type   'polypeptide(L)'
_entity_poly.pdbx_seq_one_letter_code
;MTAVRSESAELSQSPASYRFPPGFVWGAATAAYQIEGAAAEDGRTPSIWDTFSHTPGRVLNGDTGDIAADHYHRFRDDVA
LMSDLNLGAYRFSVSWSRVQPTGRGPAVQRGLDFYRQLVDELLEKGITPVATLYHWDLPQDLEDVGGWTVRDTPERFAEY
TEIVAAALGDRVPYWTTLNEPWCSAYLGYGSGVHAPGRTDPEAALKAVHHLNLAHGRGIGVLRSLLPSTARTSITLNLHQ
IRPLSTSPADLDAARRIDAVGNRVWLGPILDGAYPQDVLADTGHLVDWDRLVRDGDLEEISRPIDLLGINYYTPTLVSDG
RAHADGPAMPRNDGHGASAHSPWPGSEHVAFHLAPGETTAMRWAVDASGLYDLLMRIHREHPGLPMMVTENGAAYDDYIS
PEGAINDPDRIAYLRGHLSAVHRALADGADVRGYFLWSLLDNFEWAYGYSKRFGAVYVDFGTQRRIPKQSAHWYAAVARD
NVLPDGPEEDGTS
;
_entity_poly.pdbx_strand_id   A,B
#
# COMPACT_ATOMS: atom_id res chain seq x y z
N SER A 17 16.29 24.32 3.87
CA SER A 17 16.41 23.03 4.54
C SER A 17 15.09 22.28 4.50
N TYR A 18 14.71 21.79 3.32
CA TYR A 18 13.48 21.04 3.13
C TYR A 18 13.83 19.56 3.11
N ARG A 19 13.93 19.00 4.30
CA ARG A 19 14.31 17.61 4.50
C ARG A 19 13.09 16.72 4.27
N PHE A 20 13.21 15.78 3.35
CA PHE A 20 12.10 14.93 2.96
C PHE A 20 12.07 13.64 3.78
N PRO A 21 10.93 12.95 3.80
CA PRO A 21 10.82 11.73 4.63
C PRO A 21 11.81 10.67 4.22
N PRO A 22 12.14 9.74 5.12
CA PRO A 22 13.06 8.66 4.75
C PRO A 22 12.42 7.70 3.76
N GLY A 23 13.23 7.27 2.78
CA GLY A 23 12.73 6.39 1.75
C GLY A 23 11.90 7.07 0.68
N PHE A 24 11.98 8.39 0.58
CA PHE A 24 11.26 9.11 -0.47
C PHE A 24 11.87 8.78 -1.82
N VAL A 25 11.01 8.36 -2.76
CA VAL A 25 11.47 7.94 -4.08
C VAL A 25 11.70 9.16 -4.96
N TRP A 26 12.92 9.27 -5.50
CA TRP A 26 13.28 10.31 -6.44
C TRP A 26 13.48 9.67 -7.81
N GLY A 27 12.75 10.14 -8.81
CA GLY A 27 12.83 9.55 -10.14
C GLY A 27 12.56 10.55 -11.23
N ALA A 28 12.62 10.05 -12.47
CA ALA A 28 12.26 10.80 -13.66
C ALA A 28 11.38 9.93 -14.54
N ALA A 29 10.58 10.57 -15.40
CA ALA A 29 9.56 9.87 -16.16
C ALA A 29 9.73 10.15 -17.64
N THR A 30 9.42 9.14 -18.46
CA THR A 30 9.42 9.23 -19.91
C THR A 30 8.23 8.46 -20.45
N ALA A 31 8.05 8.52 -21.77
CA ALA A 31 6.99 7.77 -22.44
C ALA A 31 7.58 7.05 -23.65
N ALA A 32 7.01 5.89 -23.96
CA ALA A 32 7.51 5.03 -25.02
C ALA A 32 7.66 5.77 -26.36
N TYR A 33 6.54 6.20 -26.94
CA TYR A 33 6.58 6.84 -28.24
C TYR A 33 7.33 8.17 -28.23
N GLN A 34 7.54 8.76 -27.06
CA GLN A 34 8.15 10.09 -27.00
C GLN A 34 9.67 10.06 -27.08
N ILE A 35 10.31 8.95 -26.71
CA ILE A 35 11.78 8.92 -26.65
C ILE A 35 12.35 7.77 -27.49
N GLU A 36 11.61 6.67 -27.60
CA GLU A 36 12.20 5.42 -28.07
C GLU A 36 12.61 5.52 -29.54
N GLY A 37 11.69 5.97 -30.40
CA GLY A 37 11.96 5.85 -31.81
C GLY A 37 11.93 4.40 -32.27
N ALA A 38 12.57 4.15 -33.40
CA ALA A 38 12.59 2.82 -34.03
C ALA A 38 11.16 2.31 -34.22
N ALA A 39 10.32 3.16 -34.82
CA ALA A 39 8.89 2.88 -34.90
C ALA A 39 8.58 1.62 -35.69
N ALA A 40 9.39 1.29 -36.70
CA ALA A 40 9.12 0.16 -37.56
C ALA A 40 10.10 -0.99 -37.40
N GLU A 41 11.05 -0.89 -36.46
CA GLU A 41 12.08 -1.90 -36.32
C GLU A 41 11.58 -3.08 -35.49
N ASP A 42 12.14 -4.25 -35.80
CA ASP A 42 11.95 -5.47 -35.00
C ASP A 42 10.49 -5.89 -34.90
N GLY A 43 9.69 -5.52 -35.88
CA GLY A 43 8.32 -5.98 -35.95
C GLY A 43 7.28 -5.09 -35.30
N ARG A 44 7.66 -3.89 -34.85
CA ARG A 44 6.70 -3.00 -34.24
C ARG A 44 5.74 -2.46 -35.30
N THR A 45 4.46 -2.74 -35.14
CA THR A 45 3.43 -2.16 -35.99
C THR A 45 3.17 -0.71 -35.60
N PRO A 46 2.62 0.09 -36.51
CA PRO A 46 2.37 1.49 -36.18
C PRO A 46 1.28 1.64 -35.14
N SER A 47 1.46 2.60 -34.24
CA SER A 47 0.47 2.94 -33.23
C SER A 47 -0.45 4.04 -33.76
N ILE A 48 -1.42 4.44 -32.93
CA ILE A 48 -2.34 5.50 -33.35
C ILE A 48 -1.60 6.83 -33.48
N TRP A 49 -0.52 7.02 -32.72
CA TRP A 49 0.26 8.24 -32.84
C TRP A 49 1.23 8.21 -34.01
N ASP A 50 1.59 7.02 -34.49
CA ASP A 50 2.31 6.93 -35.76
C ASP A 50 1.44 7.41 -36.90
N THR A 51 0.20 6.90 -36.97
CA THR A 51 -0.75 7.38 -37.98
C THR A 51 -1.05 8.86 -37.79
N PHE A 52 -1.15 9.31 -36.54
CA PHE A 52 -1.54 10.69 -36.26
C PHE A 52 -0.44 11.66 -36.66
N SER A 53 0.78 11.42 -36.18
CA SER A 53 1.88 12.33 -36.50
C SER A 53 2.23 12.34 -37.98
N HIS A 54 1.94 11.26 -38.70
CA HIS A 54 2.15 11.21 -40.14
C HIS A 54 0.95 11.70 -40.94
N THR A 55 -0.02 12.34 -40.28
CA THR A 55 -1.15 12.95 -40.97
C THR A 55 -0.92 14.45 -41.07
N PRO A 56 -0.99 15.02 -42.28
CA PRO A 56 -0.68 16.45 -42.44
C PRO A 56 -1.57 17.33 -41.58
N GLY A 57 -0.94 18.21 -40.81
CA GLY A 57 -1.65 19.19 -40.02
C GLY A 57 -2.09 18.74 -38.64
N ARG A 58 -1.67 17.55 -38.20
CA ARG A 58 -2.03 17.07 -36.87
C ARG A 58 -0.95 17.30 -35.83
N VAL A 59 0.31 17.46 -36.25
CA VAL A 59 1.42 17.73 -35.34
C VAL A 59 2.24 18.87 -35.92
N LEU A 60 2.74 19.74 -35.05
CA LEU A 60 3.48 20.92 -35.48
C LEU A 60 4.69 20.52 -36.32
N ASN A 61 4.83 21.19 -37.48
CA ASN A 61 5.92 20.97 -38.43
C ASN A 61 5.97 19.55 -38.97
N GLY A 62 4.92 18.77 -38.78
CA GLY A 62 4.92 17.39 -39.25
C GLY A 62 5.86 16.48 -38.49
N ASP A 63 6.30 16.87 -37.29
CA ASP A 63 7.16 16.02 -36.49
C ASP A 63 6.48 14.70 -36.16
N THR A 64 7.26 13.61 -36.20
CA THR A 64 6.78 12.29 -35.85
C THR A 64 7.72 11.67 -34.83
N GLY A 65 7.31 10.53 -34.28
CA GLY A 65 8.11 9.80 -33.31
C GLY A 65 8.97 8.71 -33.92
N ASP A 66 9.16 8.76 -35.24
CA ASP A 66 9.96 7.74 -35.93
C ASP A 66 11.32 7.56 -35.28
N ILE A 67 12.01 8.66 -35.00
CA ILE A 67 13.34 8.64 -34.40
C ILE A 67 13.31 9.12 -32.96
N ALA A 68 12.74 10.31 -32.72
CA ALA A 68 12.59 10.90 -31.39
C ALA A 68 13.99 10.98 -30.75
N ALA A 69 14.17 10.47 -29.54
CA ALA A 69 15.48 10.48 -28.89
C ALA A 69 16.30 9.23 -29.17
N ASP A 70 15.78 8.32 -30.00
CA ASP A 70 16.47 7.08 -30.35
C ASP A 70 16.82 6.26 -29.11
N HIS A 71 15.94 6.31 -28.10
CA HIS A 71 16.23 5.64 -26.83
C HIS A 71 16.23 4.12 -26.98
N TYR A 72 15.51 3.59 -27.97
CA TYR A 72 15.52 2.16 -28.23
C TYR A 72 16.95 1.64 -28.43
N HIS A 73 17.79 2.43 -29.08
CA HIS A 73 19.17 2.04 -29.35
C HIS A 73 20.16 2.59 -28.34
N ARG A 74 19.79 3.63 -27.58
CA ARG A 74 20.72 4.31 -26.69
C ARG A 74 20.32 4.18 -25.22
N PHE A 75 19.52 3.16 -24.89
CA PHE A 75 18.99 3.06 -23.53
C PHE A 75 20.09 2.81 -22.50
N ARG A 76 21.17 2.12 -22.89
CA ARG A 76 22.25 1.85 -21.94
C ARG A 76 22.97 3.13 -21.54
N ASP A 77 23.18 4.05 -22.48
CA ASP A 77 23.77 5.33 -22.14
C ASP A 77 22.82 6.16 -21.27
N ASP A 78 21.52 6.08 -21.55
CA ASP A 78 20.55 6.82 -20.75
C ASP A 78 20.48 6.30 -19.33
N VAL A 79 20.56 4.98 -19.14
CA VAL A 79 20.56 4.41 -17.80
C VAL A 79 21.79 4.88 -17.03
N ALA A 80 22.94 4.95 -17.71
CA ALA A 80 24.14 5.51 -17.08
C ALA A 80 23.92 6.97 -16.70
N LEU A 81 23.19 7.71 -17.53
CA LEU A 81 22.82 9.07 -17.16
C LEU A 81 21.93 9.10 -15.93
N MET A 82 20.95 8.18 -15.86
CA MET A 82 20.10 8.08 -14.68
C MET A 82 20.94 7.83 -13.42
N SER A 83 21.95 6.96 -13.53
CA SER A 83 22.81 6.72 -12.38
C SER A 83 23.62 7.96 -12.02
N ASP A 84 24.08 8.71 -13.03
CA ASP A 84 24.79 9.95 -12.77
C ASP A 84 23.93 10.96 -12.02
N LEU A 85 22.61 10.89 -12.21
CA LEU A 85 21.68 11.81 -11.57
C LEU A 85 21.19 11.31 -10.22
N ASN A 86 21.76 10.21 -9.72
CA ASN A 86 21.40 9.66 -8.41
C ASN A 86 19.92 9.31 -8.32
N LEU A 87 19.32 8.92 -9.45
CA LEU A 87 17.91 8.56 -9.47
C LEU A 87 17.66 7.30 -8.65
N GLY A 88 16.63 7.33 -7.80
CA GLY A 88 16.20 6.13 -7.11
C GLY A 88 15.24 5.27 -7.89
N ALA A 89 14.53 5.86 -8.86
CA ALA A 89 13.58 5.12 -9.68
C ALA A 89 13.53 5.76 -11.07
N TYR A 90 12.94 5.02 -12.00
CA TYR A 90 12.76 5.50 -13.37
C TYR A 90 11.42 5.03 -13.88
N ARG A 91 10.61 5.96 -14.37
CA ARG A 91 9.26 5.68 -14.85
C ARG A 91 9.27 5.74 -16.38
N PHE A 92 8.83 4.66 -17.01
CA PHE A 92 8.78 4.56 -18.47
C PHE A 92 7.45 3.96 -18.89
N SER A 93 7.24 3.92 -20.21
CA SER A 93 6.06 3.30 -20.79
C SER A 93 6.48 2.11 -21.65
N VAL A 94 5.58 1.15 -21.79
CA VAL A 94 5.78 -0.02 -22.64
C VAL A 94 4.92 0.14 -23.88
N SER A 95 5.55 0.04 -25.05
CA SER A 95 4.84 0.21 -26.32
C SER A 95 4.02 -1.04 -26.62
N TRP A 96 2.70 -0.86 -26.75
CA TRP A 96 1.82 -1.99 -27.02
C TRP A 96 2.17 -2.67 -28.34
N SER A 97 2.31 -1.89 -29.40
CA SER A 97 2.57 -2.47 -30.72
C SER A 97 3.95 -3.09 -30.81
N ARG A 98 4.91 -2.60 -30.03
CA ARG A 98 6.25 -3.19 -30.05
C ARG A 98 6.29 -4.53 -29.35
N VAL A 99 5.52 -4.68 -28.27
CA VAL A 99 5.51 -5.96 -27.55
C VAL A 99 4.57 -6.94 -28.24
N GLN A 100 3.37 -6.50 -28.58
CA GLN A 100 2.37 -7.34 -29.25
C GLN A 100 1.89 -6.60 -30.50
N PRO A 101 2.47 -6.90 -31.65
CA PRO A 101 2.05 -6.23 -32.89
C PRO A 101 0.58 -6.45 -33.17
N THR A 102 -0.04 -5.45 -33.81
CA THR A 102 -1.46 -5.41 -34.16
C THR A 102 -2.37 -5.30 -32.93
N GLY A 103 -1.85 -5.68 -31.76
CA GLY A 103 -2.62 -5.68 -30.53
C GLY A 103 -3.23 -7.01 -30.18
N ARG A 104 -3.15 -7.99 -31.06
CA ARG A 104 -3.58 -9.35 -30.80
C ARG A 104 -2.47 -10.32 -31.21
N GLY A 105 -2.67 -11.60 -30.91
CA GLY A 105 -1.70 -12.61 -31.25
C GLY A 105 -0.55 -12.64 -30.25
N PRO A 106 0.42 -13.52 -30.48
CA PRO A 106 1.53 -13.66 -29.54
C PRO A 106 2.48 -12.47 -29.60
N ALA A 107 3.34 -12.40 -28.60
CA ALA A 107 4.30 -11.31 -28.47
C ALA A 107 5.57 -11.61 -29.27
N VAL A 108 6.21 -10.55 -29.74
CA VAL A 108 7.52 -10.63 -30.36
C VAL A 108 8.58 -10.57 -29.26
N GLN A 109 9.36 -11.65 -29.14
CA GLN A 109 10.39 -11.69 -28.11
C GLN A 109 11.43 -10.60 -28.33
N ARG A 110 11.68 -10.21 -29.58
CA ARG A 110 12.64 -9.16 -29.87
C ARG A 110 12.25 -7.85 -29.21
N GLY A 111 10.95 -7.57 -29.15
CA GLY A 111 10.47 -6.38 -28.46
C GLY A 111 10.48 -6.53 -26.96
N LEU A 112 10.07 -7.70 -26.46
CA LEU A 112 10.15 -8.00 -25.04
C LEU A 112 11.59 -7.93 -24.53
N ASP A 113 12.55 -8.31 -25.36
CA ASP A 113 13.95 -8.32 -24.92
C ASP A 113 14.46 -6.92 -24.64
N PHE A 114 13.98 -5.91 -25.36
CA PHE A 114 14.37 -4.54 -25.08
C PHE A 114 13.99 -4.13 -23.66
N TYR A 115 12.74 -4.40 -23.28
CA TYR A 115 12.30 -4.01 -21.94
C TYR A 115 12.89 -4.91 -20.88
N ARG A 116 13.19 -6.17 -21.20
CA ARG A 116 13.93 -7.01 -20.27
C ARG A 116 15.33 -6.44 -20.02
N GLN A 117 16.01 -6.02 -21.08
CA GLN A 117 17.35 -5.46 -20.92
C GLN A 117 17.31 -4.11 -20.20
N LEU A 118 16.35 -3.27 -20.55
CA LEU A 118 16.19 -1.99 -19.85
C LEU A 118 16.03 -2.19 -18.36
N VAL A 119 15.14 -3.10 -17.96
CA VAL A 119 14.93 -3.38 -16.54
C VAL A 119 16.21 -3.90 -15.90
N ASP A 120 16.86 -4.87 -16.55
CA ASP A 120 18.10 -5.43 -16.01
C ASP A 120 19.18 -4.36 -15.88
N GLU A 121 19.28 -3.46 -16.87
CA GLU A 121 20.24 -2.37 -16.78
C GLU A 121 19.91 -1.44 -15.62
N LEU A 122 18.62 -1.21 -15.36
CA LEU A 122 18.21 -0.38 -14.24
C LEU A 122 18.52 -1.06 -12.91
N LEU A 123 18.18 -2.34 -12.79
CA LEU A 123 18.45 -3.08 -11.56
C LEU A 123 19.94 -3.17 -11.26
N GLU A 124 20.78 -3.23 -12.30
CA GLU A 124 22.22 -3.26 -12.08
C GLU A 124 22.71 -1.97 -11.44
N LYS A 125 22.17 -0.83 -11.87
CA LYS A 125 22.51 0.46 -11.27
C LYS A 125 21.76 0.72 -9.98
N GLY A 126 20.90 -0.18 -9.55
CA GLY A 126 20.15 0.02 -8.32
C GLY A 126 18.96 0.94 -8.44
N ILE A 127 18.41 1.11 -9.64
CA ILE A 127 17.32 2.03 -9.91
C ILE A 127 16.03 1.24 -10.00
N THR A 128 14.96 1.76 -9.38
CA THR A 128 13.69 1.06 -9.33
C THR A 128 12.91 1.27 -10.62
N PRO A 129 12.60 0.21 -11.37
CA PRO A 129 11.79 0.39 -12.58
C PRO A 129 10.32 0.60 -12.24
N VAL A 130 9.70 1.53 -12.97
CA VAL A 130 8.28 1.84 -12.85
C VAL A 130 7.68 1.80 -14.24
N ALA A 131 6.84 0.80 -14.51
CA ALA A 131 6.36 0.53 -15.87
C ALA A 131 4.93 1.01 -16.03
N THR A 132 4.69 1.81 -17.07
CA THR A 132 3.36 2.23 -17.46
C THR A 132 2.93 1.37 -18.66
N LEU A 133 1.89 0.56 -18.45
CA LEU A 133 1.47 -0.37 -19.50
C LEU A 133 0.94 0.37 -20.73
N TYR A 134 0.13 1.40 -20.53
CA TYR A 134 -0.46 2.15 -21.63
C TYR A 134 -0.14 3.63 -21.48
N HIS A 135 0.32 4.25 -22.55
CA HIS A 135 0.66 5.66 -22.55
C HIS A 135 0.32 6.28 -23.91
N TRP A 136 -0.90 6.06 -24.37
CA TRP A 136 -1.55 6.66 -25.52
C TRP A 136 -1.15 5.99 -26.83
N ASP A 137 -0.35 4.92 -26.80
CA ASP A 137 0.13 4.29 -28.02
C ASP A 137 -0.68 3.03 -28.33
N LEU A 138 -1.96 3.24 -28.61
CA LEU A 138 -2.83 2.14 -28.99
C LEU A 138 -2.44 1.60 -30.36
N PRO A 139 -2.42 0.28 -30.55
CA PRO A 139 -2.15 -0.28 -31.88
C PRO A 139 -3.19 0.20 -32.89
N GLN A 140 -2.69 0.72 -34.02
CA GLN A 140 -3.58 1.23 -35.07
C GLN A 140 -4.59 0.18 -35.51
N ASP A 141 -4.21 -1.10 -35.49
CA ASP A 141 -5.13 -2.17 -35.86
C ASP A 141 -6.34 -2.21 -34.93
N LEU A 142 -6.16 -1.84 -33.67
CA LEU A 142 -7.28 -1.83 -32.73
C LEU A 142 -8.17 -0.62 -32.94
N GLU A 143 -7.58 0.55 -33.21
CA GLU A 143 -8.37 1.72 -33.55
C GLU A 143 -9.17 1.50 -34.83
N ASP A 144 -8.64 0.71 -35.77
CA ASP A 144 -9.31 0.46 -37.04
C ASP A 144 -10.67 -0.20 -36.87
N VAL A 145 -10.95 -0.80 -35.72
CA VAL A 145 -12.21 -1.49 -35.51
C VAL A 145 -12.92 -0.97 -34.27
N GLY A 146 -12.70 0.31 -33.96
CA GLY A 146 -13.43 0.94 -32.87
C GLY A 146 -12.57 1.67 -31.87
N GLY A 147 -11.37 1.16 -31.60
CA GLY A 147 -10.51 1.78 -30.61
C GLY A 147 -11.11 1.70 -29.21
N TRP A 148 -10.95 2.77 -28.44
CA TRP A 148 -11.48 2.80 -27.08
C TRP A 148 -12.99 3.01 -27.05
N THR A 149 -13.63 3.24 -28.20
CA THR A 149 -15.08 3.36 -28.24
C THR A 149 -15.78 2.01 -28.25
N VAL A 150 -15.08 0.94 -28.61
CA VAL A 150 -15.65 -0.39 -28.67
C VAL A 150 -15.21 -1.16 -27.43
N ARG A 151 -15.98 -2.19 -27.08
CA ARG A 151 -15.79 -2.90 -25.83
C ARG A 151 -14.70 -3.97 -25.90
N ASP A 152 -14.21 -4.30 -27.08
CA ASP A 152 -13.19 -5.35 -27.20
C ASP A 152 -11.81 -4.85 -26.79
N THR A 153 -11.54 -3.56 -26.93
CA THR A 153 -10.23 -3.01 -26.58
C THR A 153 -9.82 -3.30 -25.14
N PRO A 154 -10.68 -3.11 -24.12
CA PRO A 154 -10.27 -3.50 -22.76
C PRO A 154 -9.87 -4.96 -22.63
N GLU A 155 -10.51 -5.86 -23.39
CA GLU A 155 -10.10 -7.26 -23.36
C GLU A 155 -8.74 -7.44 -24.00
N ARG A 156 -8.44 -6.66 -25.05
CA ARG A 156 -7.12 -6.73 -25.66
C ARG A 156 -6.04 -6.19 -24.72
N PHE A 157 -6.38 -5.16 -23.94
CA PHE A 157 -5.43 -4.63 -22.96
C PHE A 157 -5.14 -5.65 -21.86
N ALA A 158 -6.13 -6.45 -21.48
CA ALA A 158 -5.91 -7.50 -20.49
C ALA A 158 -4.88 -8.51 -20.99
N GLU A 159 -5.12 -9.06 -22.19
CA GLU A 159 -4.17 -10.01 -22.77
C GLU A 159 -2.79 -9.39 -22.93
N TYR A 160 -2.73 -8.14 -23.39
CA TYR A 160 -1.46 -7.43 -23.48
C TYR A 160 -0.81 -7.28 -22.11
N THR A 161 -1.61 -7.01 -21.08
CA THR A 161 -1.08 -6.92 -19.73
C THR A 161 -0.49 -8.24 -19.27
N GLU A 162 -1.18 -9.35 -19.57
CA GLU A 162 -0.68 -10.67 -19.18
C GLU A 162 0.70 -10.94 -19.78
N ILE A 163 0.91 -10.53 -21.03
CA ILE A 163 2.22 -10.74 -21.66
C ILE A 163 3.31 -10.03 -20.89
N VAL A 164 3.13 -8.73 -20.64
CA VAL A 164 4.19 -7.94 -20.02
C VAL A 164 4.40 -8.34 -18.57
N ALA A 165 3.31 -8.63 -17.85
CA ALA A 165 3.44 -9.03 -16.46
C ALA A 165 4.18 -10.36 -16.32
N ALA A 166 3.82 -11.34 -17.14
CA ALA A 166 4.52 -12.63 -17.12
C ALA A 166 6.00 -12.45 -17.38
N ALA A 167 6.37 -11.55 -18.29
CA ALA A 167 7.77 -11.38 -18.65
C ALA A 167 8.55 -10.56 -17.63
N LEU A 168 7.92 -9.54 -17.03
CA LEU A 168 8.63 -8.59 -16.19
C LEU A 168 8.10 -8.53 -14.77
N GLY A 169 7.15 -9.39 -14.40
CA GLY A 169 6.57 -9.32 -13.07
C GLY A 169 7.58 -9.54 -11.96
N ASP A 170 8.55 -10.42 -12.20
CA ASP A 170 9.56 -10.74 -11.18
C ASP A 170 10.47 -9.56 -10.87
N ARG A 171 10.60 -8.59 -11.79
CA ARG A 171 11.61 -7.55 -11.68
C ARG A 171 11.05 -6.16 -11.46
N VAL A 172 9.83 -5.87 -11.90
CA VAL A 172 9.27 -4.52 -11.86
C VAL A 172 8.37 -4.42 -10.64
N PRO A 173 8.73 -3.65 -9.61
CA PRO A 173 7.90 -3.54 -8.40
C PRO A 173 6.81 -2.48 -8.46
N TYR A 174 6.72 -1.70 -9.52
CA TYR A 174 5.69 -0.67 -9.67
C TYR A 174 5.07 -0.78 -11.04
N TRP A 175 3.74 -0.88 -11.09
CA TRP A 175 3.02 -1.07 -12.35
C TRP A 175 1.88 -0.07 -12.42
N THR A 176 1.87 0.74 -13.47
CA THR A 176 0.79 1.68 -13.77
C THR A 176 0.00 1.18 -14.96
N THR A 177 -1.31 1.10 -14.81
CA THR A 177 -2.17 0.65 -15.90
C THR A 177 -2.24 1.70 -17.00
N LEU A 178 -2.80 2.86 -16.70
CA LEU A 178 -3.02 3.91 -17.69
C LEU A 178 -2.37 5.21 -17.22
N ASN A 179 -1.84 5.97 -18.18
CA ASN A 179 -1.33 7.32 -17.91
C ASN A 179 -2.30 8.32 -18.53
N GLU A 180 -2.91 9.14 -17.69
CA GLU A 180 -3.79 10.23 -18.10
C GLU A 180 -4.84 9.77 -19.10
N PRO A 181 -5.85 8.99 -18.68
CA PRO A 181 -6.91 8.60 -19.61
C PRO A 181 -7.79 9.77 -20.04
N TRP A 182 -7.73 10.90 -19.32
CA TRP A 182 -8.47 12.09 -19.75
C TRP A 182 -8.06 12.52 -21.15
N CYS A 183 -6.75 12.53 -21.43
CA CYS A 183 -6.29 12.89 -22.76
C CYS A 183 -6.68 11.84 -23.80
N SER A 184 -6.50 10.56 -23.46
CA SER A 184 -6.88 9.49 -24.36
C SER A 184 -8.36 9.57 -24.72
N ALA A 185 -9.22 9.81 -23.73
CA ALA A 185 -10.66 9.85 -23.98
C ALA A 185 -11.08 11.15 -24.64
N TYR A 186 -10.77 12.29 -24.01
CA TYR A 186 -11.31 13.57 -24.45
C TYR A 186 -10.46 14.24 -25.51
N LEU A 187 -9.14 14.32 -25.31
CA LEU A 187 -8.29 14.89 -26.35
C LEU A 187 -8.21 13.98 -27.57
N GLY A 188 -8.44 12.68 -27.38
CA GLY A 188 -8.37 11.72 -28.48
C GLY A 188 -9.64 11.60 -29.28
N TYR A 189 -10.79 11.59 -28.60
CA TYR A 189 -12.08 11.39 -29.24
C TYR A 189 -13.04 12.56 -29.10
N GLY A 190 -12.77 13.51 -28.22
CA GLY A 190 -13.63 14.68 -28.07
C GLY A 190 -13.18 15.85 -28.92
N SER A 191 -12.06 16.48 -28.55
CA SER A 191 -11.55 17.61 -29.31
C SER A 191 -10.70 17.17 -30.50
N GLY A 192 -10.22 15.93 -30.51
CA GLY A 192 -9.49 15.40 -31.65
C GLY A 192 -8.10 15.96 -31.84
N VAL A 193 -7.51 16.57 -30.80
CA VAL A 193 -6.14 17.09 -30.91
C VAL A 193 -5.09 16.05 -30.56
N HIS A 194 -5.49 14.88 -30.10
CA HIS A 194 -4.54 13.83 -29.70
C HIS A 194 -4.98 12.51 -30.32
N ALA A 195 -4.41 11.41 -29.79
CA ALA A 195 -4.63 9.98 -30.08
C ALA A 195 -5.21 9.80 -31.49
N PRO A 196 -6.40 9.19 -31.77
CA PRO A 196 -6.74 9.00 -33.19
C PRO A 196 -7.22 10.26 -33.87
N GLY A 197 -7.65 11.27 -33.12
CA GLY A 197 -8.12 12.51 -33.70
C GLY A 197 -9.59 12.59 -34.01
N ARG A 198 -10.41 11.73 -33.41
CA ARG A 198 -11.84 11.79 -33.63
C ARG A 198 -12.46 12.93 -32.82
N THR A 199 -13.60 13.43 -33.31
CA THR A 199 -14.34 14.49 -32.64
C THR A 199 -15.80 14.07 -32.52
N ASP A 200 -16.16 13.53 -31.36
CA ASP A 200 -17.51 13.06 -31.09
C ASP A 200 -17.71 12.95 -29.58
N PRO A 201 -18.63 13.72 -28.99
CA PRO A 201 -18.84 13.62 -27.54
C PRO A 201 -19.23 12.22 -27.07
N GLU A 202 -20.02 11.50 -27.86
CA GLU A 202 -20.38 10.14 -27.48
C GLU A 202 -19.17 9.22 -27.50
N ALA A 203 -18.30 9.37 -28.50
CA ALA A 203 -17.10 8.56 -28.57
C ALA A 203 -16.18 8.81 -27.39
N ALA A 204 -15.97 10.08 -27.05
CA ALA A 204 -15.10 10.44 -25.92
C ALA A 204 -15.59 9.80 -24.62
N LEU A 205 -16.91 9.75 -24.42
CA LEU A 205 -17.43 9.22 -23.16
C LEU A 205 -17.44 7.69 -23.14
N LYS A 206 -17.60 7.06 -24.31
CA LYS A 206 -17.44 5.60 -24.36
C LYS A 206 -15.99 5.19 -24.10
N ALA A 207 -15.03 6.01 -24.54
CA ALA A 207 -13.64 5.77 -24.19
C ALA A 207 -13.42 5.84 -22.68
N VAL A 208 -14.02 6.85 -22.03
CA VAL A 208 -13.91 7.01 -20.58
C VAL A 208 -14.22 5.70 -19.87
N HIS A 209 -15.39 5.12 -20.15
CA HIS A 209 -15.80 3.90 -19.44
C HIS A 209 -14.94 2.71 -19.84
N HIS A 210 -14.54 2.63 -21.12
CA HIS A 210 -13.72 1.51 -21.56
C HIS A 210 -12.27 1.65 -21.10
N LEU A 211 -11.77 2.87 -20.94
CA LEU A 211 -10.49 3.06 -20.28
C LEU A 211 -10.55 2.62 -18.82
N ASN A 212 -11.63 2.99 -18.13
CA ASN A 212 -11.83 2.52 -16.76
C ASN A 212 -11.90 1.00 -16.71
N LEU A 213 -12.66 0.40 -17.63
CA LEU A 213 -12.77 -1.05 -17.67
C LEU A 213 -11.42 -1.70 -18.00
N ALA A 214 -10.61 -1.04 -18.84
CA ALA A 214 -9.29 -1.58 -19.15
C ALA A 214 -8.38 -1.52 -17.93
N HIS A 215 -8.37 -0.39 -17.23
CA HIS A 215 -7.61 -0.30 -15.98
C HIS A 215 -8.04 -1.39 -15.00
N GLY A 216 -9.34 -1.56 -14.82
CA GLY A 216 -9.86 -2.58 -13.92
C GLY A 216 -9.44 -3.98 -14.31
N ARG A 217 -9.72 -4.37 -15.55
CA ARG A 217 -9.29 -5.67 -16.04
C ARG A 217 -7.78 -5.85 -15.94
N GLY A 218 -7.02 -4.76 -16.14
CA GLY A 218 -5.57 -4.86 -16.01
C GLY A 218 -5.13 -5.17 -14.59
N ILE A 219 -5.82 -4.61 -13.60
CA ILE A 219 -5.46 -4.86 -12.21
C ILE A 219 -5.70 -6.31 -11.84
N GLY A 220 -6.83 -6.88 -12.28
CA GLY A 220 -7.11 -8.28 -12.00
C GLY A 220 -6.03 -9.21 -12.53
N VAL A 221 -5.52 -8.92 -13.73
CA VAL A 221 -4.46 -9.72 -14.31
C VAL A 221 -3.17 -9.56 -13.50
N LEU A 222 -2.83 -8.30 -13.16
CA LEU A 222 -1.62 -8.04 -12.40
C LEU A 222 -1.62 -8.78 -11.06
N ARG A 223 -2.75 -8.77 -10.36
CA ARG A 223 -2.83 -9.44 -9.05
C ARG A 223 -2.54 -10.92 -9.16
N SER A 224 -2.93 -11.55 -10.27
CA SER A 224 -2.75 -12.98 -10.45
C SER A 224 -1.36 -13.35 -10.95
N LEU A 225 -0.50 -12.38 -11.21
CA LEU A 225 0.83 -12.63 -11.73
C LEU A 225 1.93 -11.98 -10.91
N LEU A 226 1.70 -10.77 -10.40
CA LEU A 226 2.77 -10.07 -9.69
C LEU A 226 2.88 -10.57 -8.26
N PRO A 227 4.07 -10.47 -7.66
CA PRO A 227 4.21 -10.80 -6.24
C PRO A 227 3.43 -9.82 -5.39
N SER A 228 3.04 -10.28 -4.19
CA SER A 228 2.17 -9.47 -3.34
C SER A 228 2.84 -8.18 -2.91
N THR A 229 4.17 -8.14 -2.88
CA THR A 229 4.87 -6.91 -2.51
C THR A 229 4.81 -5.84 -3.60
N ALA A 230 4.52 -6.22 -4.84
CA ALA A 230 4.47 -5.25 -5.92
C ALA A 230 3.27 -4.33 -5.76
N ARG A 231 3.40 -3.11 -6.28
CA ARG A 231 2.39 -2.07 -6.15
C ARG A 231 1.74 -1.80 -7.49
N THR A 232 0.41 -1.88 -7.54
CA THR A 232 -0.35 -1.47 -8.71
C THR A 232 -0.83 -0.03 -8.52
N SER A 233 -1.11 0.63 -9.64
CA SER A 233 -1.41 2.06 -9.60
C SER A 233 -2.02 2.48 -10.93
N ILE A 234 -2.61 3.68 -10.92
CA ILE A 234 -3.03 4.37 -12.13
C ILE A 234 -2.61 5.83 -12.00
N THR A 235 -2.28 6.43 -13.13
CA THR A 235 -1.79 7.81 -13.18
C THR A 235 -2.83 8.70 -13.83
N LEU A 236 -3.21 9.78 -13.12
CA LEU A 236 -4.27 10.67 -13.54
C LEU A 236 -3.79 12.11 -13.53
N ASN A 237 -3.98 12.80 -14.65
CA ASN A 237 -3.81 14.25 -14.71
C ASN A 237 -5.07 14.89 -14.14
N LEU A 238 -5.12 14.96 -12.80
CA LEU A 238 -6.28 15.50 -12.12
C LEU A 238 -6.24 17.02 -12.20
N HIS A 239 -7.23 17.61 -12.87
CA HIS A 239 -7.28 19.05 -13.04
C HIS A 239 -7.59 19.73 -11.71
N GLN A 240 -6.72 20.64 -11.29
CA GLN A 240 -6.92 21.39 -10.04
C GLN A 240 -7.69 22.65 -10.40
N ILE A 241 -9.01 22.63 -10.19
CA ILE A 241 -9.92 23.60 -10.76
C ILE A 241 -10.28 24.63 -9.70
N ARG A 242 -9.95 25.90 -9.97
CA ARG A 242 -10.40 27.02 -9.15
C ARG A 242 -11.45 27.82 -9.92
N PRO A 243 -12.56 28.20 -9.29
CA PRO A 243 -13.51 29.07 -9.96
C PRO A 243 -13.05 30.52 -9.97
N LEU A 244 -13.43 31.23 -11.03
CA LEU A 244 -13.02 32.63 -11.18
C LEU A 244 -13.63 33.51 -10.10
N SER A 245 -14.78 33.11 -9.54
CA SER A 245 -15.43 33.86 -8.47
C SER A 245 -16.33 32.91 -7.70
N THR A 246 -16.93 33.44 -6.63
CA THR A 246 -17.83 32.66 -5.78
C THR A 246 -19.25 32.61 -6.32
N SER A 247 -19.53 33.31 -7.43
CA SER A 247 -20.85 33.25 -8.05
C SER A 247 -21.26 31.80 -8.30
N PRO A 248 -22.50 31.42 -7.99
CA PRO A 248 -22.94 30.03 -8.20
C PRO A 248 -22.70 29.53 -9.62
N ALA A 249 -22.78 30.41 -10.62
CA ALA A 249 -22.50 29.98 -11.99
C ALA A 249 -21.04 29.56 -12.14
N ASP A 250 -20.12 30.27 -11.48
CA ASP A 250 -18.72 29.88 -11.52
C ASP A 250 -18.46 28.63 -10.68
N LEU A 251 -19.24 28.41 -9.63
CA LEU A 251 -19.08 27.21 -8.83
C LEU A 251 -19.61 25.99 -9.57
N ASP A 252 -20.72 26.14 -10.29
CA ASP A 252 -21.20 25.06 -11.13
C ASP A 252 -20.21 24.73 -12.24
N ALA A 253 -19.58 25.75 -12.82
CA ALA A 253 -18.53 25.54 -13.82
C ALA A 253 -17.41 24.68 -13.25
N ALA A 254 -16.83 25.11 -12.12
CA ALA A 254 -15.83 24.30 -11.44
C ALA A 254 -16.33 22.89 -11.17
N ARG A 255 -17.60 22.76 -10.77
CA ARG A 255 -18.16 21.44 -10.49
C ARG A 255 -18.26 20.61 -11.76
N ARG A 256 -18.81 21.19 -12.83
CA ARG A 256 -18.95 20.48 -14.10
C ARG A 256 -17.61 19.93 -14.58
N ILE A 257 -16.58 20.78 -14.60
CA ILE A 257 -15.28 20.35 -15.10
C ILE A 257 -14.69 19.27 -14.20
N ASP A 258 -14.92 19.39 -12.88
CA ASP A 258 -14.45 18.36 -11.96
C ASP A 258 -15.19 17.05 -12.16
N ALA A 259 -16.46 17.11 -12.55
CA ALA A 259 -17.24 15.89 -12.73
C ALA A 259 -16.78 15.13 -13.98
N VAL A 260 -16.66 15.83 -15.10
CA VAL A 260 -16.33 15.18 -16.36
C VAL A 260 -14.83 15.02 -16.58
N GLY A 261 -14.01 15.79 -15.88
CA GLY A 261 -12.57 15.70 -16.05
C GLY A 261 -11.88 14.81 -15.04
N ASN A 262 -12.39 14.79 -13.80
CA ASN A 262 -11.73 14.08 -12.71
C ASN A 262 -12.58 12.95 -12.14
N ARG A 263 -13.80 13.25 -11.69
CA ARG A 263 -14.60 12.26 -10.96
C ARG A 263 -15.19 11.18 -11.85
N VAL A 264 -14.94 11.22 -13.16
CA VAL A 264 -15.24 10.06 -14.00
C VAL A 264 -14.22 8.96 -13.82
N TRP A 265 -13.05 9.28 -13.24
CA TRP A 265 -12.04 8.31 -12.89
C TRP A 265 -12.03 8.01 -11.39
N LEU A 266 -11.94 9.06 -10.56
CA LEU A 266 -11.91 8.87 -9.11
C LEU A 266 -13.17 8.16 -8.62
N GLY A 267 -14.32 8.48 -9.20
CA GLY A 267 -15.57 7.87 -8.82
C GLY A 267 -15.58 6.35 -8.96
N PRO A 268 -15.58 5.87 -10.20
CA PRO A 268 -15.68 4.42 -10.42
C PRO A 268 -14.51 3.63 -9.86
N ILE A 269 -13.30 4.19 -9.83
CA ILE A 269 -12.14 3.41 -9.41
C ILE A 269 -12.05 3.34 -7.89
N LEU A 270 -12.27 4.46 -7.21
CA LEU A 270 -12.13 4.51 -5.75
C LEU A 270 -13.44 4.32 -5.02
N ASP A 271 -14.55 4.87 -5.54
CA ASP A 271 -15.85 4.76 -4.89
C ASP A 271 -16.73 3.70 -5.51
N GLY A 272 -16.37 3.17 -6.68
CA GLY A 272 -17.14 2.09 -7.29
C GLY A 272 -18.40 2.50 -7.99
N ALA A 273 -18.55 3.79 -8.34
CA ALA A 273 -19.74 4.24 -9.05
C ALA A 273 -19.47 5.58 -9.70
N TYR A 274 -20.14 5.82 -10.84
CA TYR A 274 -20.08 7.12 -11.48
C TYR A 274 -20.95 8.12 -10.72
N PRO A 275 -20.46 9.35 -10.51
CA PRO A 275 -21.26 10.35 -9.80
C PRO A 275 -22.53 10.70 -10.59
N GLN A 276 -23.63 10.87 -9.85
CA GLN A 276 -24.91 11.18 -10.50
C GLN A 276 -24.85 12.50 -11.25
N ASP A 277 -24.06 13.46 -10.77
CA ASP A 277 -24.03 14.77 -11.42
C ASP A 277 -23.36 14.72 -12.78
N VAL A 278 -22.33 13.89 -12.95
CA VAL A 278 -21.73 13.74 -14.26
C VAL A 278 -22.64 12.90 -15.17
N LEU A 279 -23.41 11.98 -14.58
CA LEU A 279 -24.41 11.26 -15.35
C LEU A 279 -25.48 12.20 -15.88
N ALA A 280 -25.82 13.22 -15.10
CA ALA A 280 -26.83 14.19 -15.54
C ALA A 280 -26.26 15.13 -16.60
N ASP A 281 -25.06 15.68 -16.34
CA ASP A 281 -24.47 16.64 -17.27
C ASP A 281 -24.27 16.05 -18.66
N THR A 282 -24.00 14.74 -18.76
CA THR A 282 -23.67 14.10 -20.01
C THR A 282 -24.74 13.12 -20.48
N GLY A 283 -25.82 12.93 -19.71
CA GLY A 283 -26.84 11.96 -20.09
C GLY A 283 -27.39 12.15 -21.47
N HIS A 284 -27.49 13.39 -21.94
CA HIS A 284 -28.02 13.66 -23.27
C HIS A 284 -27.04 13.31 -24.38
N LEU A 285 -25.77 13.07 -24.07
CA LEU A 285 -24.76 12.79 -25.07
C LEU A 285 -24.39 11.31 -25.18
N VAL A 286 -24.78 10.49 -24.20
CA VAL A 286 -24.47 9.06 -24.23
C VAL A 286 -25.46 8.35 -23.33
N ASP A 287 -25.82 7.13 -23.71
CA ASP A 287 -26.75 6.32 -22.94
C ASP A 287 -25.94 5.47 -21.96
N TRP A 288 -25.86 5.92 -20.71
CA TRP A 288 -25.05 5.21 -19.73
C TRP A 288 -25.59 3.82 -19.42
N ASP A 289 -26.90 3.62 -19.58
CA ASP A 289 -27.48 2.32 -19.29
C ASP A 289 -27.02 1.26 -20.29
N ARG A 290 -26.77 1.66 -21.55
CA ARG A 290 -26.24 0.74 -22.53
C ARG A 290 -24.72 0.62 -22.44
N LEU A 291 -24.04 1.66 -21.98
CA LEU A 291 -22.59 1.65 -21.89
C LEU A 291 -22.11 0.79 -20.72
N VAL A 292 -22.57 1.11 -19.51
CA VAL A 292 -22.16 0.39 -18.30
C VAL A 292 -23.02 -0.87 -18.17
N ARG A 293 -22.40 -2.04 -18.31
CA ARG A 293 -23.07 -3.31 -18.16
C ARG A 293 -22.78 -3.91 -16.79
N ASP A 294 -23.49 -5.00 -16.48
CA ASP A 294 -23.35 -5.66 -15.19
C ASP A 294 -21.94 -6.21 -15.02
N GLY A 295 -21.27 -5.80 -13.94
CA GLY A 295 -19.94 -6.27 -13.62
C GLY A 295 -18.82 -5.31 -13.92
N ASP A 296 -19.10 -4.24 -14.66
CA ASP A 296 -18.04 -3.30 -15.04
C ASP A 296 -17.46 -2.59 -13.82
N LEU A 297 -18.33 -2.08 -12.95
CA LEU A 297 -17.84 -1.28 -11.82
C LEU A 297 -17.14 -2.13 -10.78
N GLU A 298 -17.58 -3.39 -10.60
CA GLU A 298 -16.80 -4.32 -9.77
C GLU A 298 -15.39 -4.49 -10.32
N GLU A 299 -15.27 -4.58 -11.64
CA GLU A 299 -13.95 -4.69 -12.27
C GLU A 299 -13.15 -3.41 -12.09
N ILE A 300 -13.78 -2.26 -12.37
CA ILE A 300 -13.09 -0.97 -12.35
C ILE A 300 -12.58 -0.64 -10.95
N SER A 301 -13.30 -1.06 -9.91
CA SER A 301 -13.06 -0.61 -8.54
C SER A 301 -12.21 -1.58 -7.73
N ARG A 302 -11.41 -2.42 -8.40
CA ARG A 302 -10.47 -3.27 -7.70
C ARG A 302 -9.57 -2.44 -6.79
N PRO A 303 -9.22 -2.95 -5.60
CA PRO A 303 -8.33 -2.21 -4.71
C PRO A 303 -7.02 -1.83 -5.38
N ILE A 304 -6.60 -0.60 -5.15
CA ILE A 304 -5.36 -0.06 -5.72
C ILE A 304 -4.36 0.18 -4.60
N ASP A 305 -3.07 0.20 -4.96
CA ASP A 305 -1.99 0.37 -3.99
C ASP A 305 -1.40 1.77 -3.99
N LEU A 306 -1.63 2.57 -5.03
CA LEU A 306 -0.94 3.84 -5.18
C LEU A 306 -1.66 4.66 -6.24
N LEU A 307 -1.69 5.97 -6.05
CA LEU A 307 -2.29 6.88 -7.02
C LEU A 307 -1.20 7.75 -7.63
N GLY A 308 -1.09 7.73 -8.94
CA GLY A 308 -0.14 8.58 -9.64
C GLY A 308 -0.75 9.90 -10.05
N ILE A 309 -0.12 11.00 -9.65
CA ILE A 309 -0.64 12.34 -9.89
C ILE A 309 0.27 13.06 -10.86
N ASN A 310 -0.30 13.56 -11.95
CA ASN A 310 0.39 14.43 -12.89
C ASN A 310 -0.17 15.84 -12.75
N TYR A 311 0.69 16.79 -12.37
CA TYR A 311 0.31 18.18 -12.24
C TYR A 311 1.31 19.06 -12.97
N TYR A 312 0.80 20.10 -13.62
CA TYR A 312 1.65 21.06 -14.31
C TYR A 312 1.18 22.49 -14.06
N THR A 313 -0.13 22.72 -14.13
CA THR A 313 -0.68 24.06 -14.03
C THR A 313 -2.11 23.96 -13.52
N PRO A 314 -2.59 24.95 -12.77
CA PRO A 314 -3.99 24.92 -12.31
C PRO A 314 -4.94 25.23 -13.46
N THR A 315 -6.22 24.98 -13.19
CA THR A 315 -7.28 25.25 -14.16
C THR A 315 -8.22 26.30 -13.57
N LEU A 316 -8.37 27.41 -14.29
CA LEU A 316 -9.22 28.52 -13.87
C LEU A 316 -10.41 28.60 -14.80
N VAL A 317 -11.61 28.38 -14.26
CA VAL A 317 -12.81 28.29 -15.06
C VAL A 317 -13.84 29.29 -14.57
N SER A 318 -14.79 29.61 -15.45
CA SER A 318 -15.94 30.41 -15.10
C SER A 318 -17.04 30.13 -16.12
N ASP A 319 -18.28 30.40 -15.72
CA ASP A 319 -19.40 30.30 -16.65
C ASP A 319 -19.26 31.44 -17.66
N GLY A 320 -18.90 31.11 -18.90
CA GLY A 320 -18.62 32.16 -19.86
C GLY A 320 -19.86 32.86 -20.36
N ARG A 321 -21.00 32.19 -20.34
CA ARG A 321 -22.27 32.79 -20.75
C ARG A 321 -22.79 33.78 -19.71
N ALA A 322 -21.88 34.45 -18.98
CA ALA A 322 -22.25 35.34 -17.89
C ALA A 322 -21.20 36.45 -17.78
N HIS A 323 -21.25 37.39 -18.72
CA HIS A 323 -20.35 38.53 -18.74
C HIS A 323 -18.88 38.11 -18.67
N HIS A 340 -15.05 21.94 -31.31
CA HIS A 340 -14.95 20.64 -30.66
C HIS A 340 -14.29 20.75 -29.29
N SER A 341 -15.08 20.59 -28.23
CA SER A 341 -14.68 20.72 -26.84
C SER A 341 -14.36 19.36 -26.23
N PRO A 342 -13.30 19.29 -25.40
CA PRO A 342 -12.99 18.03 -24.72
C PRO A 342 -13.73 17.87 -23.40
N TRP A 343 -14.79 18.65 -23.22
CA TRP A 343 -15.63 18.58 -22.02
C TRP A 343 -17.08 18.46 -22.47
N PRO A 344 -17.53 17.24 -22.79
CA PRO A 344 -18.92 17.05 -23.24
C PRO A 344 -19.91 17.48 -22.17
N GLY A 345 -20.93 18.23 -22.59
CA GLY A 345 -21.97 18.70 -21.72
C GLY A 345 -21.67 20.00 -20.99
N SER A 346 -20.44 20.48 -21.04
CA SER A 346 -20.03 21.72 -20.38
C SER A 346 -19.27 22.62 -21.34
N GLU A 347 -19.67 22.60 -22.62
CA GLU A 347 -19.01 23.43 -23.62
C GLU A 347 -19.15 24.91 -23.34
N HIS A 348 -20.12 25.30 -22.50
CA HIS A 348 -20.33 26.70 -22.14
C HIS A 348 -19.35 27.22 -21.11
N VAL A 349 -18.42 26.39 -20.65
CA VAL A 349 -17.48 26.77 -19.61
C VAL A 349 -16.28 27.47 -20.25
N ALA A 350 -16.00 28.69 -19.80
CA ALA A 350 -14.83 29.42 -20.26
C ALA A 350 -13.63 29.11 -19.38
N PHE A 351 -12.45 29.01 -19.99
CA PHE A 351 -11.22 28.75 -19.29
C PHE A 351 -10.31 29.97 -19.37
N HIS A 352 -9.56 30.19 -18.30
CA HIS A 352 -8.73 31.39 -18.18
C HIS A 352 -7.34 31.03 -17.69
N LEU A 353 -6.36 31.85 -18.07
CA LEU A 353 -4.98 31.68 -17.66
C LEU A 353 -4.82 32.13 -16.21
N ALA A 354 -4.52 31.19 -15.33
CA ALA A 354 -4.29 31.52 -13.93
C ALA A 354 -3.11 32.48 -13.78
N PRO A 355 -3.14 33.34 -12.78
CA PRO A 355 -2.04 34.30 -12.61
C PRO A 355 -0.73 33.60 -12.23
N GLY A 356 0.36 34.31 -12.44
CA GLY A 356 1.69 33.81 -12.16
C GLY A 356 2.54 33.79 -13.41
N GLU A 357 3.74 33.23 -13.27
CA GLU A 357 4.65 33.08 -14.40
C GLU A 357 4.11 32.03 -15.38
N THR A 358 4.64 32.06 -16.59
CA THR A 358 4.23 31.15 -17.65
C THR A 358 5.45 30.37 -18.15
N THR A 359 5.23 29.09 -18.46
CA THR A 359 6.24 28.27 -19.10
C THR A 359 6.21 28.50 -20.61
N ALA A 360 7.06 27.75 -21.33
CA ALA A 360 7.04 27.84 -22.79
C ALA A 360 5.72 27.35 -23.36
N MET A 361 4.95 26.57 -22.60
CA MET A 361 3.60 26.18 -22.97
C MET A 361 2.60 27.29 -22.69
N ARG A 362 3.06 28.41 -22.16
CA ARG A 362 2.19 29.47 -21.62
C ARG A 362 1.21 28.88 -20.61
N TRP A 363 1.73 28.02 -19.73
CA TRP A 363 0.96 27.46 -18.63
C TRP A 363 1.31 28.20 -17.36
N ALA A 364 0.31 28.42 -16.51
CA ALA A 364 0.52 29.17 -15.28
C ALA A 364 1.42 28.39 -14.33
N VAL A 365 2.36 29.09 -13.71
CA VAL A 365 3.25 28.52 -12.70
C VAL A 365 2.64 28.85 -11.35
N ASP A 366 2.04 27.84 -10.71
CA ASP A 366 1.38 28.05 -9.43
C ASP A 366 1.53 26.75 -8.63
N ALA A 367 2.50 26.74 -7.71
CA ALA A 367 2.76 25.55 -6.91
C ALA A 367 1.63 25.25 -5.93
N SER A 368 0.77 26.24 -5.64
CA SER A 368 -0.35 26.00 -4.74
C SER A 368 -1.31 24.97 -5.30
N GLY A 369 -1.41 24.87 -6.63
CA GLY A 369 -2.25 23.85 -7.23
C GLY A 369 -1.79 22.45 -6.88
N LEU A 370 -0.48 22.24 -6.82
CA LEU A 370 0.05 20.95 -6.40
C LEU A 370 -0.34 20.64 -4.96
N TYR A 371 -0.11 21.58 -4.05
CA TYR A 371 -0.50 21.39 -2.65
C TYR A 371 -1.98 21.08 -2.52
N ASP A 372 -2.82 21.90 -3.16
CA ASP A 372 -4.27 21.71 -3.07
C ASP A 372 -4.68 20.34 -3.60
N LEU A 373 -4.12 19.93 -4.74
CA LEU A 373 -4.47 18.64 -5.31
C LEU A 373 -4.06 17.50 -4.39
N LEU A 374 -2.87 17.58 -3.80
CA LEU A 374 -2.43 16.56 -2.85
C LEU A 374 -3.31 16.54 -1.61
N MET A 375 -3.66 17.73 -1.09
CA MET A 375 -4.47 17.79 0.11
C MET A 375 -5.90 17.29 -0.15
N ARG A 376 -6.45 17.59 -1.33
CA ARG A 376 -7.77 17.09 -1.67
C ARG A 376 -7.84 15.57 -1.58
N ILE A 377 -6.92 14.88 -2.26
CA ILE A 377 -6.92 13.42 -2.25
C ILE A 377 -6.65 12.91 -0.84
N HIS A 378 -5.85 13.63 -0.06
CA HIS A 378 -5.64 13.26 1.33
C HIS A 378 -6.93 13.35 2.13
N ARG A 379 -7.68 14.45 1.96
CA ARG A 379 -8.92 14.60 2.71
C ARG A 379 -10.00 13.64 2.22
N GLU A 380 -10.10 13.46 0.90
CA GLU A 380 -11.17 12.64 0.33
C GLU A 380 -10.86 11.15 0.35
N HIS A 381 -9.58 10.77 0.37
CA HIS A 381 -9.16 9.37 0.43
C HIS A 381 -7.95 9.27 1.33
N PRO A 382 -8.18 9.23 2.65
CA PRO A 382 -7.05 9.32 3.59
C PRO A 382 -6.12 8.13 3.59
N GLY A 383 -6.53 6.99 3.03
CA GLY A 383 -5.71 5.80 3.05
C GLY A 383 -4.95 5.48 1.78
N LEU A 384 -5.10 6.29 0.73
CA LEU A 384 -4.49 6.00 -0.55
C LEU A 384 -3.14 6.69 -0.66
N PRO A 385 -2.03 5.96 -0.72
CA PRO A 385 -0.73 6.59 -0.92
C PRO A 385 -0.64 7.26 -2.28
N MET A 386 0.18 8.30 -2.35
CA MET A 386 0.31 9.10 -3.56
C MET A 386 1.76 9.17 -4.01
N MET A 387 1.95 9.35 -5.32
CA MET A 387 3.23 9.69 -5.91
C MET A 387 3.00 10.69 -7.04
N VAL A 388 3.78 11.77 -7.04
CA VAL A 388 3.77 12.73 -8.15
C VAL A 388 4.50 12.07 -9.31
N THR A 389 3.75 11.43 -10.21
CA THR A 389 4.36 10.68 -11.30
C THR A 389 4.87 11.56 -12.43
N GLU A 390 4.33 12.78 -12.57
CA GLU A 390 4.84 13.73 -13.55
C GLU A 390 4.73 15.13 -12.98
N ASN A 391 5.81 15.91 -13.16
CA ASN A 391 5.83 17.33 -12.82
C ASN A 391 7.04 17.98 -13.48
N GLY A 392 6.80 19.03 -14.25
CA GLY A 392 7.89 19.69 -14.94
C GLY A 392 7.43 20.95 -15.63
N ALA A 393 8.31 21.48 -16.48
CA ALA A 393 8.01 22.71 -17.18
C ALA A 393 8.86 22.79 -18.44
N ALA A 394 8.30 23.41 -19.47
CA ALA A 394 9.00 23.64 -20.72
C ALA A 394 9.53 25.07 -20.76
N TYR A 395 10.78 25.22 -21.21
CA TYR A 395 11.41 26.53 -21.34
C TYR A 395 12.30 26.55 -22.57
N ASP A 396 12.62 27.77 -23.01
CA ASP A 396 13.44 27.98 -24.21
C ASP A 396 14.90 27.68 -23.87
N ASP A 397 15.22 26.39 -23.88
CA ASP A 397 16.58 25.94 -23.61
C ASP A 397 17.45 26.11 -24.85
N TYR A 398 18.70 26.53 -24.64
CA TYR A 398 19.64 26.71 -25.74
C TYR A 398 21.04 26.42 -25.25
N ILE A 399 21.90 25.99 -26.17
CA ILE A 399 23.31 25.75 -25.87
C ILE A 399 24.07 27.06 -26.12
N SER A 400 24.72 27.57 -25.07
CA SER A 400 25.51 28.77 -25.20
C SER A 400 26.80 28.46 -25.97
N PRO A 401 27.47 29.50 -26.50
CA PRO A 401 28.77 29.27 -27.15
C PRO A 401 29.80 28.61 -26.24
N GLU A 402 29.60 28.65 -24.92
CA GLU A 402 30.47 27.95 -23.99
C GLU A 402 29.98 26.54 -23.68
N GLY A 403 28.99 26.05 -24.42
CA GLY A 403 28.50 24.70 -24.21
C GLY A 403 27.62 24.51 -22.99
N ALA A 404 27.08 25.59 -22.44
CA ALA A 404 26.23 25.52 -21.25
C ALA A 404 24.77 25.67 -21.63
N ILE A 405 23.91 24.93 -20.93
CA ILE A 405 22.47 25.02 -21.08
C ILE A 405 21.92 25.44 -19.72
N ASN A 406 21.71 26.74 -19.53
CA ASN A 406 21.31 27.30 -18.25
C ASN A 406 19.79 27.48 -18.24
N ASP A 407 19.12 26.77 -17.34
CA ASP A 407 17.67 26.82 -17.21
C ASP A 407 17.31 27.12 -15.76
N PRO A 408 17.61 28.33 -15.28
CA PRO A 408 17.25 28.66 -13.88
C PRO A 408 15.74 28.70 -13.65
N ASP A 409 14.96 28.98 -14.68
CA ASP A 409 13.51 28.98 -14.53
C ASP A 409 12.97 27.60 -14.18
N ARG A 410 13.60 26.54 -14.72
CA ARG A 410 13.16 25.19 -14.38
C ARG A 410 13.53 24.84 -12.95
N ILE A 411 14.71 25.28 -12.49
CA ILE A 411 15.08 25.10 -11.09
C ILE A 411 14.11 25.83 -10.19
N ALA A 412 13.79 27.09 -10.53
CA ALA A 412 12.79 27.84 -9.79
C ALA A 412 11.46 27.10 -9.75
N TYR A 413 11.01 26.60 -10.90
CA TYR A 413 9.77 25.83 -10.95
C TYR A 413 9.84 24.61 -10.03
N LEU A 414 10.92 23.82 -10.15
CA LEU A 414 11.03 22.60 -9.36
C LEU A 414 11.20 22.90 -7.87
N ARG A 415 12.04 23.87 -7.54
CA ARG A 415 12.18 24.29 -6.14
C ARG A 415 10.83 24.73 -5.57
N GLY A 416 10.06 25.49 -6.34
CA GLY A 416 8.75 25.90 -5.89
C GLY A 416 7.81 24.73 -5.65
N HIS A 417 7.65 23.87 -6.67
CA HIS A 417 6.67 22.80 -6.57
C HIS A 417 7.09 21.72 -5.58
N LEU A 418 8.41 21.53 -5.37
CA LEU A 418 8.83 20.56 -4.37
C LEU A 418 8.59 21.07 -2.96
N SER A 419 8.57 22.39 -2.77
CA SER A 419 8.14 22.96 -1.50
C SER A 419 6.68 22.65 -1.23
N ALA A 420 5.83 22.73 -2.26
CA ALA A 420 4.42 22.39 -2.10
C ALA A 420 4.25 20.94 -1.63
N VAL A 421 4.99 20.02 -2.24
CA VAL A 421 4.97 18.63 -1.80
C VAL A 421 5.44 18.52 -0.36
N HIS A 422 6.47 19.30 0.00
CA HIS A 422 6.99 19.27 1.36
C HIS A 422 5.95 19.72 2.37
N ARG A 423 5.25 20.83 2.09
CA ARG A 423 4.24 21.32 3.02
C ARG A 423 3.06 20.36 3.10
N ALA A 424 2.65 19.80 1.97
CA ALA A 424 1.59 18.78 1.97
C ALA A 424 1.98 17.60 2.85
N LEU A 425 3.19 17.08 2.65
CA LEU A 425 3.71 16.03 3.51
C LEU A 425 3.63 16.43 4.99
N ALA A 426 4.10 17.64 5.30
CA ALA A 426 4.06 18.12 6.68
C ALA A 426 2.63 18.23 7.21
N ASP A 427 1.67 18.49 6.33
CA ASP A 427 0.27 18.61 6.72
C ASP A 427 -0.47 17.28 6.67
N GLY A 428 0.24 16.17 6.55
CA GLY A 428 -0.36 14.85 6.64
C GLY A 428 -0.56 14.12 5.33
N ALA A 429 -0.18 14.72 4.20
CA ALA A 429 -0.32 14.04 2.92
C ALA A 429 0.65 12.89 2.81
N ASP A 430 0.18 11.76 2.28
CA ASP A 430 0.98 10.55 2.14
C ASP A 430 1.56 10.52 0.74
N VAL A 431 2.62 11.29 0.53
CA VAL A 431 3.31 11.37 -0.75
C VAL A 431 4.55 10.50 -0.66
N ARG A 432 4.67 9.55 -1.59
CA ARG A 432 5.69 8.52 -1.49
C ARG A 432 6.87 8.76 -2.43
N GLY A 433 6.65 9.45 -3.54
CA GLY A 433 7.70 9.66 -4.52
C GLY A 433 7.42 10.86 -5.39
N TYR A 434 8.47 11.35 -6.05
CA TYR A 434 8.36 12.46 -6.98
C TYR A 434 9.12 12.11 -8.26
N PHE A 435 8.49 12.33 -9.40
CA PHE A 435 9.07 12.01 -10.71
C PHE A 435 9.08 13.26 -11.57
N LEU A 436 10.26 13.65 -12.02
CA LEU A 436 10.41 14.82 -12.89
C LEU A 436 10.14 14.45 -14.34
N TRP A 437 9.28 15.23 -15.00
CA TRP A 437 9.07 15.12 -16.44
C TRP A 437 9.81 16.28 -17.11
N SER A 438 10.84 15.95 -17.89
CA SER A 438 11.22 14.56 -18.14
C SER A 438 12.71 14.35 -17.93
N LEU A 439 13.16 13.10 -18.09
CA LEU A 439 14.59 12.83 -18.11
C LEU A 439 15.26 13.45 -19.33
N LEU A 440 14.65 13.31 -20.49
CA LEU A 440 15.20 13.80 -21.75
C LEU A 440 14.19 14.71 -22.43
N ASP A 441 14.69 15.61 -23.27
CA ASP A 441 13.81 16.27 -24.23
C ASP A 441 13.23 15.23 -25.18
N ASN A 442 11.96 15.42 -25.54
CA ASN A 442 11.20 14.35 -26.18
C ASN A 442 10.23 14.93 -27.19
N PHE A 443 9.61 14.04 -27.95
CA PHE A 443 8.49 14.37 -28.83
C PHE A 443 7.27 14.69 -27.98
N GLU A 444 6.98 15.98 -27.82
CA GLU A 444 5.90 16.43 -26.94
C GLU A 444 4.57 16.46 -27.69
N TRP A 445 4.20 15.29 -28.21
CA TRP A 445 2.88 15.00 -28.82
C TRP A 445 2.60 16.03 -29.91
N ALA A 446 1.48 16.75 -29.87
CA ALA A 446 1.12 17.66 -30.94
C ALA A 446 2.10 18.81 -31.10
N TYR A 447 2.87 19.12 -30.05
CA TYR A 447 3.88 20.17 -30.15
C TYR A 447 5.15 19.70 -30.83
N GLY A 448 5.22 18.43 -31.25
CA GLY A 448 6.44 17.90 -31.81
C GLY A 448 7.61 18.06 -30.85
N TYR A 449 8.74 18.50 -31.40
CA TYR A 449 9.96 18.71 -30.63
C TYR A 449 10.18 20.18 -30.27
N SER A 450 9.13 21.01 -30.39
CA SER A 450 9.24 22.43 -30.13
C SER A 450 9.22 22.78 -28.65
N LYS A 451 8.96 21.81 -27.77
CA LYS A 451 8.87 22.07 -26.34
C LYS A 451 9.76 21.11 -25.60
N ARG A 452 10.63 21.64 -24.74
CA ARG A 452 11.68 20.88 -24.08
C ARG A 452 11.36 20.80 -22.60
N PHE A 453 11.07 19.59 -22.11
CA PHE A 453 10.77 19.35 -20.70
C PHE A 453 11.92 18.70 -19.95
N GLY A 454 12.88 18.11 -20.64
CA GLY A 454 13.85 17.26 -19.99
C GLY A 454 14.82 18.04 -19.11
N ALA A 455 15.33 17.37 -18.08
CA ALA A 455 16.46 17.88 -17.34
C ALA A 455 17.78 17.67 -18.09
N VAL A 456 17.78 16.78 -19.07
CA VAL A 456 18.94 16.55 -19.94
C VAL A 456 18.58 17.01 -21.34
N TYR A 457 19.31 18.00 -21.84
CA TYR A 457 19.10 18.48 -23.20
C TYR A 457 19.44 17.39 -24.22
N VAL A 458 18.67 17.34 -25.30
CA VAL A 458 18.90 16.39 -26.38
C VAL A 458 19.01 17.17 -27.68
N ASP A 459 20.18 17.12 -28.31
CA ASP A 459 20.37 17.65 -29.65
C ASP A 459 19.92 16.59 -30.64
N PHE A 460 18.69 16.71 -31.13
CA PHE A 460 18.12 15.66 -31.99
C PHE A 460 18.88 15.50 -33.30
N GLY A 461 19.60 16.53 -33.75
CA GLY A 461 20.41 16.38 -34.94
C GLY A 461 21.46 15.29 -34.81
N THR A 462 22.09 15.21 -33.64
CA THR A 462 23.12 14.20 -33.38
C THR A 462 22.73 13.19 -32.32
N GLN A 463 21.57 13.38 -31.67
CA GLN A 463 21.05 12.56 -30.58
C GLN A 463 21.89 12.64 -29.33
N ARG A 464 22.86 13.56 -29.26
CA ARG A 464 23.68 13.70 -28.07
C ARG A 464 22.86 14.29 -26.92
N ARG A 465 23.00 13.69 -25.75
CA ARG A 465 22.39 14.20 -24.53
C ARG A 465 23.39 15.04 -23.76
N ILE A 466 22.96 16.21 -23.29
CA ILE A 466 23.79 17.13 -22.53
C ILE A 466 23.02 17.55 -21.28
N PRO A 467 23.55 17.32 -20.08
CA PRO A 467 22.81 17.71 -18.86
C PRO A 467 22.65 19.22 -18.76
N LYS A 468 21.44 19.65 -18.43
CA LYS A 468 21.17 21.05 -18.17
C LYS A 468 21.56 21.42 -16.75
N GLN A 469 21.54 22.73 -16.47
CA GLN A 469 21.84 23.22 -15.13
C GLN A 469 20.90 22.62 -14.09
N SER A 470 19.66 22.33 -14.48
CA SER A 470 18.71 21.76 -13.54
C SER A 470 19.04 20.30 -13.20
N ALA A 471 19.67 19.59 -14.13
CA ALA A 471 20.06 18.20 -13.86
C ALA A 471 21.05 18.14 -12.70
N HIS A 472 22.00 19.08 -12.65
CA HIS A 472 22.93 19.12 -11.53
C HIS A 472 22.21 19.47 -10.23
N TRP A 473 21.21 20.36 -10.30
CA TRP A 473 20.45 20.72 -9.11
C TRP A 473 19.58 19.56 -8.63
N TYR A 474 18.91 18.88 -9.57
CA TYR A 474 18.04 17.77 -9.18
C TYR A 474 18.83 16.56 -8.71
N ALA A 475 20.06 16.39 -9.21
CA ALA A 475 20.90 15.29 -8.76
C ALA A 475 21.26 15.43 -7.28
N ALA A 476 21.50 16.66 -6.84
CA ALA A 476 21.77 16.89 -5.42
C ALA A 476 20.53 16.58 -4.58
N VAL A 477 19.34 16.91 -5.09
CA VAL A 477 18.11 16.60 -4.38
C VAL A 477 17.94 15.10 -4.24
N ALA A 478 18.07 14.36 -5.34
CA ALA A 478 17.92 12.92 -5.30
C ALA A 478 18.98 12.24 -4.44
N ARG A 479 20.14 12.87 -4.25
CA ARG A 479 21.20 12.24 -3.46
C ARG A 479 21.05 12.51 -1.97
N ASP A 480 20.69 13.74 -1.60
CA ASP A 480 20.67 14.15 -0.21
C ASP A 480 19.27 14.18 0.40
N ASN A 481 18.22 14.03 -0.41
CA ASN A 481 16.83 14.11 0.05
C ASN A 481 16.54 15.48 0.67
N VAL A 482 17.26 16.50 0.23
CA VAL A 482 17.13 17.86 0.76
C VAL A 482 17.12 18.83 -0.42
N LEU A 483 16.39 19.94 -0.26
CA LEU A 483 16.33 20.98 -1.28
C LEU A 483 17.41 22.01 -1.03
N PRO A 484 18.35 22.23 -1.97
CA PRO A 484 19.39 23.25 -1.85
C PRO A 484 18.82 24.66 -1.70
N SER B 17 -17.75 -23.37 -2.85
CA SER B 17 -17.35 -22.56 -4.00
C SER B 17 -17.14 -21.10 -3.60
N TYR B 18 -16.13 -20.87 -2.77
CA TYR B 18 -15.77 -19.53 -2.31
C TYR B 18 -14.40 -19.17 -2.89
N ARG B 19 -14.39 -18.66 -4.12
CA ARG B 19 -13.13 -18.29 -4.75
C ARG B 19 -12.68 -16.91 -4.28
N PHE B 20 -11.44 -16.84 -3.79
CA PHE B 20 -10.84 -15.65 -3.21
C PHE B 20 -10.12 -14.84 -4.29
N PRO B 21 -9.81 -13.57 -4.03
CA PRO B 21 -9.19 -12.72 -5.05
C PRO B 21 -7.84 -13.28 -5.50
N PRO B 22 -7.38 -12.92 -6.69
CA PRO B 22 -6.08 -13.38 -7.14
C PRO B 22 -4.95 -12.76 -6.32
N GLY B 23 -3.95 -13.59 -6.01
CA GLY B 23 -2.85 -13.13 -5.19
C GLY B 23 -3.16 -13.04 -3.72
N PHE B 24 -4.23 -13.68 -3.26
CA PHE B 24 -4.56 -13.67 -1.84
C PHE B 24 -3.53 -14.48 -1.06
N VAL B 25 -2.96 -13.88 -0.03
CA VAL B 25 -1.90 -14.51 0.75
C VAL B 25 -2.49 -15.48 1.76
N TRP B 26 -2.03 -16.73 1.73
CA TRP B 26 -2.41 -17.75 2.70
C TRP B 26 -1.20 -18.06 3.57
N GLY B 27 -1.36 -17.92 4.89
CA GLY B 27 -0.25 -18.14 5.78
C GLY B 27 -0.68 -18.66 7.13
N ALA B 28 0.32 -18.87 8.00
CA ALA B 28 0.10 -19.23 9.39
C ALA B 28 1.02 -18.38 10.26
N ALA B 29 0.65 -18.23 11.53
CA ALA B 29 1.33 -17.30 12.42
C ALA B 29 1.78 -18.01 13.69
N THR B 30 2.93 -17.56 14.20
CA THR B 30 3.50 -18.03 15.46
C THR B 30 4.08 -16.84 16.20
N ALA B 31 4.57 -17.09 17.41
CA ALA B 31 5.23 -16.07 18.21
C ALA B 31 6.53 -16.62 18.76
N ALA B 32 7.51 -15.73 18.93
CA ALA B 32 8.86 -16.10 19.34
C ALA B 32 8.86 -16.93 20.62
N TYR B 33 8.44 -16.34 21.73
CA TYR B 33 8.49 -17.04 23.02
C TYR B 33 7.57 -18.26 23.06
N GLN B 34 6.61 -18.34 22.15
CA GLN B 34 5.63 -19.42 22.19
C GLN B 34 6.11 -20.72 21.55
N ILE B 35 7.08 -20.66 20.62
CA ILE B 35 7.50 -21.86 19.90
C ILE B 35 8.99 -22.11 20.07
N GLU B 36 9.77 -21.04 20.22
CA GLU B 36 11.21 -21.13 20.01
C GLU B 36 11.88 -21.96 21.11
N GLY B 37 11.59 -21.66 22.37
CA GLY B 37 12.38 -22.30 23.40
C GLY B 37 13.80 -21.77 23.38
N ALA B 38 14.71 -22.55 23.97
CA ALA B 38 16.12 -22.17 24.08
C ALA B 38 16.25 -20.79 24.72
N ALA B 39 15.56 -20.61 25.85
CA ALA B 39 15.43 -19.29 26.45
C ALA B 39 16.77 -18.73 26.89
N ALA B 40 17.71 -19.58 27.30
CA ALA B 40 19.00 -19.14 27.82
C ALA B 40 20.16 -19.46 26.91
N GLU B 41 19.92 -20.05 25.74
CA GLU B 41 20.99 -20.48 24.87
C GLU B 41 21.54 -19.32 24.02
N ASP B 42 22.82 -19.42 23.70
CA ASP B 42 23.48 -18.53 22.73
C ASP B 42 23.43 -17.06 23.15
N GLY B 43 23.31 -16.80 24.44
CA GLY B 43 23.38 -15.45 24.96
C GLY B 43 22.04 -14.74 25.12
N ARG B 44 20.93 -15.43 24.93
CA ARG B 44 19.62 -14.79 25.10
C ARG B 44 19.36 -14.52 26.58
N THR B 45 19.18 -13.26 26.92
CA THR B 45 18.79 -12.88 28.27
C THR B 45 17.30 -13.17 28.47
N PRO B 46 16.85 -13.32 29.72
CA PRO B 46 15.44 -13.60 29.97
C PRO B 46 14.56 -12.40 29.63
N SER B 47 13.38 -12.70 29.07
CA SER B 47 12.39 -11.68 28.76
C SER B 47 11.44 -11.52 29.95
N ILE B 48 10.48 -10.61 29.80
CA ILE B 48 9.51 -10.39 30.88
C ILE B 48 8.61 -11.60 31.07
N TRP B 49 8.40 -12.39 30.01
CA TRP B 49 7.60 -13.60 30.13
C TRP B 49 8.41 -14.77 30.68
N ASP B 50 9.74 -14.72 30.57
CA ASP B 50 10.58 -15.67 31.30
C ASP B 50 10.44 -15.46 32.81
N THR B 51 10.57 -14.21 33.25
CA THR B 51 10.35 -13.90 34.66
C THR B 51 8.92 -14.20 35.08
N PHE B 52 7.95 -13.93 34.19
CA PHE B 52 6.55 -14.09 34.55
C PHE B 52 6.17 -15.56 34.69
N SER B 53 6.49 -16.36 33.67
CA SER B 53 6.14 -17.78 33.71
C SER B 53 6.90 -18.53 34.79
N HIS B 54 8.07 -18.04 35.22
CA HIS B 54 8.82 -18.65 36.30
C HIS B 54 8.43 -18.08 37.67
N THR B 55 7.34 -17.33 37.75
CA THR B 55 6.81 -16.85 39.03
C THR B 55 5.64 -17.72 39.45
N PRO B 56 5.67 -18.29 40.65
CA PRO B 56 4.60 -19.20 41.06
C PRO B 56 3.23 -18.54 41.01
N GLY B 57 2.29 -19.20 40.32
CA GLY B 57 0.91 -18.75 40.27
C GLY B 57 0.58 -17.77 39.16
N ARG B 58 1.51 -17.50 38.24
CA ARG B 58 1.24 -16.59 37.14
C ARG B 58 0.85 -17.31 35.85
N VAL B 59 1.22 -18.58 35.69
CA VAL B 59 0.88 -19.39 34.53
C VAL B 59 0.40 -20.74 35.02
N LEU B 60 -0.60 -21.30 34.35
CA LEU B 60 -1.20 -22.56 34.77
C LEU B 60 -0.15 -23.67 34.85
N ASN B 61 -0.16 -24.39 35.97
CA ASN B 61 0.76 -25.49 36.26
C ASN B 61 2.22 -25.08 36.24
N GLY B 62 2.51 -23.78 36.29
CA GLY B 62 3.88 -23.32 36.25
C GLY B 62 4.58 -23.52 34.93
N ASP B 63 3.84 -23.73 33.85
CA ASP B 63 4.45 -23.89 32.53
C ASP B 63 5.25 -22.64 32.16
N THR B 64 6.39 -22.86 31.53
CA THR B 64 7.25 -21.80 31.04
C THR B 64 7.57 -22.03 29.57
N GLY B 65 8.22 -21.04 28.96
CA GLY B 65 8.63 -21.15 27.57
C GLY B 65 10.05 -21.64 27.38
N ASP B 66 10.63 -22.25 28.42
CA ASP B 66 12.00 -22.75 28.35
C ASP B 66 12.22 -23.63 27.13
N ILE B 67 11.32 -24.58 26.88
CA ILE B 67 11.43 -25.51 25.77
C ILE B 67 10.38 -25.22 24.71
N ALA B 68 9.11 -25.16 25.10
CA ALA B 68 7.98 -24.86 24.21
C ALA B 68 8.00 -25.87 23.07
N ALA B 69 7.98 -25.45 21.81
CA ALA B 69 8.02 -26.37 20.68
C ALA B 69 9.43 -26.64 20.18
N ASP B 70 10.45 -26.10 20.86
CA ASP B 70 11.85 -26.30 20.48
C ASP B 70 12.11 -25.86 19.04
N HIS B 71 11.40 -24.80 18.60
CA HIS B 71 11.49 -24.37 17.22
C HIS B 71 12.88 -23.80 16.90
N TYR B 72 13.58 -23.28 17.91
CA TYR B 72 14.94 -22.77 17.69
C TYR B 72 15.84 -23.83 17.08
N HIS B 73 15.66 -25.09 17.48
CA HIS B 73 16.47 -26.18 16.97
C HIS B 73 15.81 -26.96 15.84
N ARG B 74 14.49 -26.83 15.69
CA ARG B 74 13.74 -27.63 14.72
C ARG B 74 13.10 -26.78 13.64
N PHE B 75 13.61 -25.56 13.42
CA PHE B 75 12.95 -24.66 12.48
C PHE B 75 13.02 -25.17 11.04
N ARG B 76 14.07 -25.92 10.69
CA ARG B 76 14.17 -26.42 9.33
C ARG B 76 13.08 -27.45 9.02
N ASP B 77 12.77 -28.31 9.99
CA ASP B 77 11.67 -29.25 9.79
C ASP B 77 10.33 -28.52 9.72
N ASP B 78 10.15 -27.48 10.54
CA ASP B 78 8.91 -26.73 10.53
C ASP B 78 8.70 -25.99 9.20
N VAL B 79 9.77 -25.42 8.65
CA VAL B 79 9.67 -24.75 7.34
C VAL B 79 9.28 -25.75 6.26
N ALA B 80 9.85 -26.96 6.32
CA ALA B 80 9.43 -28.01 5.40
C ALA B 80 7.97 -28.38 5.61
N LEU B 81 7.51 -28.35 6.86
CA LEU B 81 6.08 -28.56 7.13
C LEU B 81 5.25 -27.45 6.52
N MET B 82 5.70 -26.19 6.64
CA MET B 82 4.99 -25.08 6.02
C MET B 82 4.83 -25.28 4.52
N SER B 83 5.88 -25.79 3.86
CA SER B 83 5.79 -26.06 2.43
C SER B 83 4.79 -27.17 2.13
N ASP B 84 4.73 -28.20 2.98
CA ASP B 84 3.78 -29.28 2.78
C ASP B 84 2.33 -28.79 2.82
N LEU B 85 2.06 -27.73 3.58
CA LEU B 85 0.72 -27.16 3.68
C LEU B 85 0.45 -26.09 2.64
N ASN B 86 1.36 -25.92 1.67
CA ASN B 86 1.18 -24.97 0.57
C ASN B 86 1.05 -23.53 1.06
N LEU B 87 1.70 -23.21 2.17
CA LEU B 87 1.65 -21.86 2.71
C LEU B 87 2.33 -20.88 1.75
N GLY B 88 1.67 -19.76 1.48
CA GLY B 88 2.28 -18.69 0.72
C GLY B 88 3.12 -17.74 1.56
N ALA B 89 2.84 -17.65 2.86
CA ALA B 89 3.58 -16.77 3.74
C ALA B 89 3.62 -17.40 5.13
N TYR B 90 4.51 -16.88 5.97
CA TYR B 90 4.64 -17.32 7.35
C TYR B 90 4.91 -16.12 8.23
N ARG B 91 4.10 -15.95 9.28
CA ARG B 91 4.21 -14.83 10.19
C ARG B 91 4.83 -15.31 11.49
N PHE B 92 5.94 -14.69 11.88
CA PHE B 92 6.65 -15.05 13.10
C PHE B 92 7.02 -13.78 13.86
N SER B 93 7.57 -13.97 15.05
CA SER B 93 8.07 -12.88 15.87
C SER B 93 9.58 -13.02 16.04
N VAL B 94 10.24 -11.88 16.26
CA VAL B 94 11.66 -11.82 16.54
C VAL B 94 11.83 -11.51 18.02
N SER B 95 12.58 -12.36 18.72
CA SER B 95 12.77 -12.18 20.15
C SER B 95 13.75 -11.05 20.40
N TRP B 96 13.31 -10.02 21.12
CA TRP B 96 14.15 -8.87 21.40
C TRP B 96 15.39 -9.28 22.18
N SER B 97 15.19 -10.04 23.26
CA SER B 97 16.33 -10.42 24.12
C SER B 97 17.28 -11.39 23.43
N ARG B 98 16.78 -12.16 22.46
CA ARG B 98 17.65 -13.10 21.75
C ARG B 98 18.58 -12.38 20.77
N VAL B 99 18.06 -11.33 20.13
CA VAL B 99 18.86 -10.58 19.17
C VAL B 99 19.76 -9.57 19.87
N GLN B 100 19.18 -8.82 20.81
CA GLN B 100 19.91 -7.80 21.56
C GLN B 100 19.70 -8.06 23.04
N PRO B 101 20.63 -8.78 23.67
CA PRO B 101 20.50 -9.06 25.11
C PRO B 101 20.44 -7.78 25.93
N THR B 102 19.71 -7.86 27.04
CA THR B 102 19.51 -6.76 27.99
C THR B 102 18.65 -5.63 27.42
N GLY B 103 18.58 -5.53 26.09
CA GLY B 103 17.86 -4.47 25.43
C GLY B 103 18.71 -3.29 25.01
N ARG B 104 19.98 -3.27 25.41
CA ARG B 104 20.93 -2.26 24.96
C ARG B 104 22.19 -2.96 24.46
N GLY B 105 23.10 -2.16 23.92
CA GLY B 105 24.35 -2.67 23.41
C GLY B 105 24.19 -3.31 22.05
N PRO B 106 25.30 -3.85 21.53
CA PRO B 106 25.25 -4.45 20.19
C PRO B 106 24.49 -5.77 20.20
N ALA B 107 24.18 -6.25 19.00
CA ALA B 107 23.45 -7.48 18.82
C ALA B 107 24.39 -8.68 18.83
N VAL B 108 23.87 -9.82 19.28
CA VAL B 108 24.60 -11.08 19.20
C VAL B 108 24.36 -11.68 17.82
N GLN B 109 25.42 -11.84 17.04
CA GLN B 109 25.28 -12.39 15.70
C GLN B 109 24.74 -13.82 15.74
N ARG B 110 25.06 -14.56 16.80
CA ARG B 110 24.59 -15.93 16.94
C ARG B 110 23.06 -15.98 16.98
N GLY B 111 22.44 -14.99 17.60
CA GLY B 111 20.99 -14.89 17.62
C GLY B 111 20.43 -14.39 16.31
N LEU B 112 21.08 -13.38 15.73
CA LEU B 112 20.69 -12.90 14.41
C LEU B 112 20.80 -13.99 13.35
N ASP B 113 21.78 -14.89 13.50
CA ASP B 113 21.97 -15.94 12.50
C ASP B 113 20.79 -16.90 12.45
N PHE B 114 20.12 -17.13 13.59
CA PHE B 114 18.93 -17.97 13.58
C PHE B 114 17.85 -17.40 12.68
N TYR B 115 17.55 -16.10 12.83
CA TYR B 115 16.52 -15.49 12.02
C TYR B 115 16.97 -15.30 10.58
N ARG B 116 18.28 -15.11 10.35
CA ARG B 116 18.79 -15.11 8.99
C ARG B 116 18.59 -16.46 8.32
N GLN B 117 18.87 -17.54 9.03
CA GLN B 117 18.69 -18.88 8.47
C GLN B 117 17.20 -19.20 8.28
N LEU B 118 16.37 -18.85 9.26
CA LEU B 118 14.94 -19.05 9.14
C LEU B 118 14.39 -18.38 7.89
N VAL B 119 14.74 -17.11 7.67
CA VAL B 119 14.27 -16.39 6.50
C VAL B 119 14.78 -17.07 5.23
N ASP B 120 16.06 -17.40 5.18
CA ASP B 120 16.62 -18.07 4.01
C ASP B 120 15.94 -19.40 3.76
N GLU B 121 15.64 -20.15 4.82
CA GLU B 121 14.92 -21.41 4.66
C GLU B 121 13.52 -21.17 4.10
N LEU B 122 12.88 -20.08 4.51
CA LEU B 122 11.55 -19.75 3.98
C LEU B 122 11.64 -19.35 2.51
N LEU B 123 12.60 -18.50 2.16
CA LEU B 123 12.75 -18.07 0.77
C LEU B 123 13.08 -19.24 -0.14
N GLU B 124 13.83 -20.23 0.36
CA GLU B 124 14.15 -21.41 -0.44
C GLU B 124 12.89 -22.21 -0.77
N LYS B 125 11.98 -22.34 0.20
CA LYS B 125 10.73 -23.05 -0.01
C LYS B 125 9.69 -22.19 -0.73
N GLY B 126 10.02 -20.93 -1.05
CA GLY B 126 9.07 -20.06 -1.71
C GLY B 126 8.03 -19.45 -0.81
N ILE B 127 8.29 -19.35 0.49
CA ILE B 127 7.34 -18.83 1.47
C ILE B 127 7.72 -17.40 1.83
N THR B 128 6.72 -16.55 1.93
CA THR B 128 6.96 -15.13 2.21
C THR B 128 7.13 -14.91 3.71
N PRO B 129 8.29 -14.42 4.15
CA PRO B 129 8.46 -14.15 5.59
C PRO B 129 7.73 -12.89 6.02
N VAL B 130 7.09 -12.97 7.19
CA VAL B 130 6.39 -11.85 7.80
C VAL B 130 6.89 -11.74 9.24
N ALA B 131 7.62 -10.66 9.53
CA ALA B 131 8.32 -10.53 10.80
C ALA B 131 7.58 -9.57 11.72
N THR B 132 7.31 -10.02 12.95
CA THR B 132 6.76 -9.18 14.01
C THR B 132 7.91 -8.78 14.93
N LEU B 133 8.22 -7.49 14.96
CA LEU B 133 9.37 -7.03 15.75
C LEU B 133 9.16 -7.24 17.24
N TYR B 134 7.97 -6.94 17.74
CA TYR B 134 7.66 -7.08 19.16
C TYR B 134 6.43 -7.96 19.32
N HIS B 135 6.51 -8.94 20.21
CA HIS B 135 5.40 -9.84 20.47
C HIS B 135 5.39 -10.23 21.95
N TRP B 136 5.46 -9.23 22.82
CA TRP B 136 5.29 -9.28 24.27
C TRP B 136 6.55 -9.74 25.00
N ASP B 137 7.66 -9.94 24.30
CA ASP B 137 8.90 -10.44 24.93
C ASP B 137 9.88 -9.28 25.16
N LEU B 138 9.47 -8.36 26.03
CA LEU B 138 10.34 -7.25 26.39
C LEU B 138 11.53 -7.76 27.22
N PRO B 139 12.73 -7.26 26.97
CA PRO B 139 13.88 -7.63 27.82
C PRO B 139 13.62 -7.25 29.27
N GLN B 140 13.81 -8.22 30.17
CA GLN B 140 13.59 -7.98 31.60
C GLN B 140 14.41 -6.81 32.12
N ASP B 141 15.61 -6.60 31.58
CA ASP B 141 16.43 -5.47 32.01
C ASP B 141 15.75 -4.14 31.74
N LEU B 142 14.93 -4.07 30.69
CA LEU B 142 14.22 -2.82 30.39
C LEU B 142 13.02 -2.63 31.30
N GLU B 143 12.29 -3.72 31.60
CA GLU B 143 11.21 -3.65 32.58
C GLU B 143 11.74 -3.26 33.96
N ASP B 144 12.96 -3.66 34.29
CA ASP B 144 13.54 -3.37 35.59
C ASP B 144 13.66 -1.88 35.87
N VAL B 145 13.61 -1.04 34.83
CA VAL B 145 13.78 0.39 34.99
C VAL B 145 12.59 1.14 34.42
N GLY B 146 11.42 0.50 34.43
CA GLY B 146 10.20 1.18 34.01
C GLY B 146 9.36 0.42 33.02
N GLY B 147 10.00 -0.32 32.11
CA GLY B 147 9.25 -1.02 31.08
C GLY B 147 8.55 -0.05 30.15
N TRP B 148 7.34 -0.41 29.74
CA TRP B 148 6.56 0.44 28.84
C TRP B 148 5.97 1.66 29.53
N THR B 149 6.10 1.76 30.86
CA THR B 149 5.63 2.94 31.57
C THR B 149 6.61 4.11 31.49
N VAL B 150 7.86 3.84 31.16
CA VAL B 150 8.88 4.87 31.06
C VAL B 150 9.11 5.19 29.58
N ARG B 151 9.64 6.39 29.32
CA ARG B 151 9.75 6.91 27.97
C ARG B 151 10.98 6.39 27.23
N ASP B 152 11.92 5.75 27.92
CA ASP B 152 13.13 5.28 27.26
C ASP B 152 12.91 4.01 26.45
N THR B 153 11.91 3.21 26.82
CA THR B 153 11.66 1.96 26.10
C THR B 153 11.41 2.18 24.61
N PRO B 154 10.58 3.13 24.17
CA PRO B 154 10.46 3.37 22.72
C PRO B 154 11.79 3.67 22.05
N GLU B 155 12.70 4.36 22.73
CA GLU B 155 14.03 4.61 22.16
C GLU B 155 14.82 3.32 22.04
N ARG B 156 14.67 2.40 22.99
CA ARG B 156 15.32 1.10 22.88
C ARG B 156 14.72 0.27 21.76
N PHE B 157 13.40 0.39 21.56
CA PHE B 157 12.75 -0.34 20.47
C PHE B 157 13.21 0.17 19.11
N ALA B 158 13.48 1.47 18.99
CA ALA B 158 13.99 2.02 17.74
C ALA B 158 15.34 1.40 17.38
N GLU B 159 16.30 1.47 18.30
CA GLU B 159 17.62 0.90 18.06
C GLU B 159 17.52 -0.60 17.75
N TYR B 160 16.68 -1.32 18.51
CA TYR B 160 16.47 -2.74 18.24
C TYR B 160 15.88 -2.95 16.85
N THR B 161 14.96 -2.08 16.43
CA THR B 161 14.38 -2.19 15.10
C THR B 161 15.45 -2.01 14.03
N GLU B 162 16.35 -1.02 14.22
CA GLU B 162 17.42 -0.79 13.25
C GLU B 162 18.29 -2.03 13.08
N ILE B 163 18.56 -2.74 14.17
CA ILE B 163 19.38 -3.95 14.10
C ILE B 163 18.74 -4.99 13.19
N VAL B 164 17.46 -5.31 13.46
CA VAL B 164 16.80 -6.38 12.71
C VAL B 164 16.57 -5.97 11.27
N ALA B 165 16.20 -4.71 11.04
CA ALA B 165 15.94 -4.25 9.68
C ALA B 165 17.20 -4.28 8.83
N ALA B 166 18.31 -3.79 9.38
CA ALA B 166 19.58 -3.84 8.65
C ALA B 166 19.94 -5.27 8.26
N ALA B 167 19.68 -6.23 9.14
CA ALA B 167 20.08 -7.61 8.89
C ALA B 167 19.14 -8.32 7.93
N LEU B 168 17.84 -8.04 7.99
CA LEU B 168 16.85 -8.79 7.25
C LEU B 168 16.02 -7.94 6.29
N GLY B 169 16.36 -6.65 6.12
CA GLY B 169 15.57 -5.80 5.25
C GLY B 169 15.54 -6.26 3.81
N ASP B 170 16.66 -6.82 3.34
CA ASP B 170 16.75 -7.26 1.94
C ASP B 170 15.82 -8.43 1.65
N ARG B 171 15.41 -9.19 2.67
CA ARG B 171 14.75 -10.47 2.46
C ARG B 171 13.29 -10.50 2.92
N VAL B 172 12.93 -9.69 3.91
CA VAL B 172 11.60 -9.75 4.53
C VAL B 172 10.75 -8.64 3.93
N PRO B 173 9.71 -8.96 3.16
CA PRO B 173 8.87 -7.91 2.55
C PRO B 173 7.70 -7.44 3.41
N TYR B 174 7.50 -8.01 4.60
CA TYR B 174 6.43 -7.59 5.51
C TYR B 174 7.00 -7.41 6.90
N TRP B 175 6.77 -6.23 7.48
CA TRP B 175 7.29 -5.91 8.81
C TRP B 175 6.17 -5.35 9.68
N THR B 176 5.92 -6.00 10.81
CA THR B 176 4.95 -5.55 11.79
C THR B 176 5.70 -5.04 13.03
N THR B 177 5.35 -3.83 13.47
CA THR B 177 5.97 -3.26 14.67
C THR B 177 5.53 -3.99 15.93
N LEU B 178 4.25 -3.90 16.26
CA LEU B 178 3.72 -4.46 17.50
C LEU B 178 2.58 -5.43 17.20
N ASN B 179 2.49 -6.50 17.99
CA ASN B 179 1.38 -7.42 17.96
C ASN B 179 0.52 -7.22 19.20
N GLU B 180 -0.72 -6.80 19.00
CA GLU B 180 -1.72 -6.62 20.06
C GLU B 180 -1.17 -5.82 21.24
N PRO B 181 -0.96 -4.51 21.08
CA PRO B 181 -0.52 -3.70 22.23
C PRO B 181 -1.57 -3.56 23.31
N TRP B 182 -2.84 -3.89 23.02
CA TRP B 182 -3.86 -3.89 24.06
C TRP B 182 -3.48 -4.82 25.20
N CYS B 183 -3.01 -6.02 24.86
CA CYS B 183 -2.58 -6.97 25.89
C CYS B 183 -1.33 -6.49 26.61
N SER B 184 -0.35 -6.00 25.85
CA SER B 184 0.88 -5.48 26.45
C SER B 184 0.58 -4.35 27.43
N ALA B 185 -0.30 -3.43 27.04
CA ALA B 185 -0.62 -2.28 27.88
C ALA B 185 -1.54 -2.67 29.04
N TYR B 186 -2.71 -3.23 28.72
CA TYR B 186 -3.74 -3.42 29.74
C TYR B 186 -3.60 -4.76 30.46
N LEU B 187 -3.42 -5.87 29.73
CA LEU B 187 -3.20 -7.14 30.38
C LEU B 187 -1.85 -7.20 31.08
N GLY B 188 -0.89 -6.40 30.64
CA GLY B 188 0.43 -6.41 31.23
C GLY B 188 0.57 -5.50 32.44
N TYR B 189 -0.03 -4.31 32.37
CA TYR B 189 0.09 -3.32 33.43
C TYR B 189 -1.23 -2.94 34.10
N GLY B 190 -2.37 -3.29 33.52
CA GLY B 190 -3.65 -3.00 34.13
C GLY B 190 -4.17 -4.11 35.01
N SER B 191 -4.60 -5.22 34.38
CA SER B 191 -5.11 -6.36 35.14
C SER B 191 -4.00 -7.27 35.64
N GLY B 192 -2.80 -7.16 35.07
CA GLY B 192 -1.66 -7.93 35.56
C GLY B 192 -1.69 -9.41 35.26
N VAL B 193 -2.52 -9.85 34.30
CA VAL B 193 -2.56 -11.26 33.93
C VAL B 193 -1.55 -11.64 32.86
N HIS B 194 -0.83 -10.66 32.30
CA HIS B 194 0.14 -10.93 31.24
C HIS B 194 1.44 -10.20 31.54
N ALA B 195 2.28 -10.07 30.51
CA ALA B 195 3.58 -9.40 30.41
C ALA B 195 4.22 -9.18 31.81
N PRO B 196 4.46 -7.97 32.36
CA PRO B 196 5.19 -7.94 33.64
C PRO B 196 4.34 -8.31 34.85
N GLY B 197 3.02 -8.23 34.74
CA GLY B 197 2.14 -8.57 35.84
C GLY B 197 1.82 -7.42 36.78
N ARG B 198 2.02 -6.18 36.35
CA ARG B 198 1.69 -5.03 37.18
C ARG B 198 0.19 -4.74 37.12
N THR B 199 -0.30 -4.12 38.19
CA THR B 199 -1.72 -3.73 38.28
C THR B 199 -1.78 -2.25 38.70
N ASP B 200 -1.94 -1.37 37.72
CA ASP B 200 -2.00 0.07 37.96
C ASP B 200 -2.63 0.75 36.75
N PRO B 201 -3.79 1.41 36.92
CA PRO B 201 -4.42 2.07 35.76
C PRO B 201 -3.53 3.12 35.11
N GLU B 202 -2.76 3.88 35.90
CA GLU B 202 -1.87 4.87 35.30
C GLU B 202 -0.76 4.21 34.49
N ALA B 203 -0.21 3.11 35.01
CA ALA B 203 0.85 2.40 34.29
C ALA B 203 0.34 1.85 32.96
N ALA B 204 -0.84 1.24 32.96
CA ALA B 204 -1.41 0.69 31.74
C ALA B 204 -1.56 1.76 30.66
N LEU B 205 -1.97 2.97 31.06
CA LEU B 205 -2.22 4.03 30.08
C LEU B 205 -0.94 4.69 29.60
N LYS B 206 0.09 4.74 30.46
CA LYS B 206 1.40 5.21 29.99
C LYS B 206 2.02 4.22 29.02
N ALA B 207 1.78 2.92 29.21
CA ALA B 207 2.19 1.93 28.22
C ALA B 207 1.51 2.15 26.88
N VAL B 208 0.20 2.44 26.90
CA VAL B 208 -0.54 2.71 25.67
C VAL B 208 0.19 3.73 24.81
N HIS B 209 0.51 4.88 25.39
CA HIS B 209 1.13 5.96 24.61
C HIS B 209 2.55 5.60 24.20
N HIS B 210 3.29 4.91 25.08
CA HIS B 210 4.66 4.54 24.74
C HIS B 210 4.72 3.39 23.74
N LEU B 211 3.73 2.50 23.77
CA LEU B 211 3.60 1.52 22.69
C LEU B 211 3.32 2.20 21.36
N ASN B 212 2.41 3.19 21.37
CA ASN B 212 2.15 3.97 20.16
C ASN B 212 3.43 4.69 19.70
N LEU B 213 4.14 5.31 20.64
CA LEU B 213 5.38 6.01 20.28
C LEU B 213 6.45 5.04 19.78
N ALA B 214 6.48 3.82 20.33
CA ALA B 214 7.42 2.82 19.85
C ALA B 214 7.08 2.39 18.43
N HIS B 215 5.80 2.09 18.17
CA HIS B 215 5.36 1.79 16.81
C HIS B 215 5.73 2.91 15.85
N GLY B 216 5.41 4.15 16.21
CA GLY B 216 5.70 5.29 15.37
C GLY B 216 7.19 5.46 15.09
N ARG B 217 7.99 5.56 16.14
CA ARG B 217 9.44 5.64 15.96
C ARG B 217 9.98 4.41 15.22
N GLY B 218 9.36 3.25 15.43
CA GLY B 218 9.78 2.07 14.71
C GLY B 218 9.52 2.16 13.22
N ILE B 219 8.42 2.79 12.83
CA ILE B 219 8.13 2.96 11.41
C ILE B 219 9.16 3.88 10.75
N GLY B 220 9.52 4.97 11.44
CA GLY B 220 10.53 5.86 10.90
C GLY B 220 11.85 5.18 10.63
N VAL B 221 12.25 4.28 11.52
CA VAL B 221 13.49 3.52 11.32
C VAL B 221 13.36 2.58 10.13
N LEU B 222 12.23 1.86 10.06
CA LEU B 222 12.02 0.93 8.95
C LEU B 222 12.06 1.64 7.60
N ARG B 223 11.42 2.81 7.50
CA ARG B 223 11.37 3.53 6.22
C ARG B 223 12.75 3.89 5.71
N SER B 224 13.70 4.17 6.62
CA SER B 224 15.03 4.60 6.22
C SER B 224 15.96 3.44 5.88
N LEU B 225 15.51 2.21 6.01
CA LEU B 225 16.41 1.08 5.75
C LEU B 225 15.85 0.07 4.75
N LEU B 226 14.57 -0.24 4.83
CA LEU B 226 13.97 -1.29 4.01
C LEU B 226 13.60 -0.74 2.63
N PRO B 227 13.54 -1.61 1.61
CA PRO B 227 13.15 -1.14 0.28
C PRO B 227 11.71 -0.63 0.25
N SER B 228 11.44 0.28 -0.69
CA SER B 228 10.17 0.98 -0.74
C SER B 228 9.00 0.05 -1.05
N THR B 229 9.25 -1.07 -1.75
CA THR B 229 8.16 -1.98 -2.09
C THR B 229 7.68 -2.78 -0.89
N ALA B 230 8.48 -2.88 0.17
CA ALA B 230 8.09 -3.64 1.34
C ALA B 230 6.98 -2.92 2.10
N ARG B 231 6.20 -3.70 2.84
CA ARG B 231 5.02 -3.20 3.55
C ARG B 231 5.29 -3.15 5.05
N THR B 232 5.08 -1.98 5.65
CA THR B 232 5.07 -1.85 7.10
C THR B 232 3.64 -1.95 7.61
N SER B 233 3.51 -2.32 8.89
CA SER B 233 2.18 -2.62 9.42
C SER B 233 2.25 -2.66 10.94
N ILE B 234 1.05 -2.66 11.55
CA ILE B 234 0.88 -2.95 12.97
C ILE B 234 -0.31 -3.88 13.10
N THR B 235 -0.25 -4.78 14.08
CA THR B 235 -1.27 -5.78 14.29
C THR B 235 -2.04 -5.47 15.57
N LEU B 236 -3.37 -5.38 15.46
CA LEU B 236 -4.22 -4.97 16.55
C LEU B 236 -5.33 -6.00 16.76
N ASN B 237 -5.48 -6.46 17.99
CA ASN B 237 -6.65 -7.25 18.39
C ASN B 237 -7.80 -6.29 18.65
N LEU B 238 -8.45 -5.88 17.55
CA LEU B 238 -9.54 -4.91 17.64
C LEU B 238 -10.80 -5.61 18.13
N HIS B 239 -11.28 -5.22 19.30
CA HIS B 239 -12.46 -5.85 19.88
C HIS B 239 -13.71 -5.46 19.10
N GLN B 240 -14.46 -6.46 18.65
CA GLN B 240 -15.71 -6.24 17.92
C GLN B 240 -16.83 -6.24 18.95
N ILE B 241 -17.26 -5.05 19.36
CA ILE B 241 -18.08 -4.85 20.55
C ILE B 241 -19.53 -4.70 20.12
N ARG B 242 -20.40 -5.59 20.61
CA ARG B 242 -21.84 -5.47 20.46
C ARG B 242 -22.46 -5.11 21.79
N PRO B 243 -23.38 -4.14 21.83
CA PRO B 243 -24.11 -3.86 23.06
C PRO B 243 -25.20 -4.88 23.32
N LEU B 244 -25.46 -5.13 24.60
CA LEU B 244 -26.48 -6.12 24.97
C LEU B 244 -27.88 -5.67 24.54
N SER B 245 -28.10 -4.37 24.41
CA SER B 245 -29.37 -3.84 23.95
C SER B 245 -29.14 -2.46 23.37
N THR B 246 -30.20 -1.86 22.84
CA THR B 246 -30.14 -0.53 22.25
C THR B 246 -30.29 0.58 23.28
N SER B 247 -30.52 0.25 24.54
CA SER B 247 -30.60 1.25 25.59
C SER B 247 -29.36 2.16 25.55
N PRO B 248 -29.53 3.47 25.66
CA PRO B 248 -28.37 4.38 25.61
C PRO B 248 -27.27 4.04 26.61
N ALA B 249 -27.63 3.51 27.78
CA ALA B 249 -26.61 3.09 28.74
C ALA B 249 -25.75 1.96 28.18
N ASP B 250 -26.37 1.01 27.47
CA ASP B 250 -25.61 -0.06 26.85
C ASP B 250 -24.81 0.45 25.65
N LEU B 251 -25.29 1.48 24.97
CA LEU B 251 -24.55 2.04 23.84
C LEU B 251 -23.33 2.80 24.32
N ASP B 252 -23.44 3.51 25.44
CA ASP B 252 -22.28 4.17 26.03
C ASP B 252 -21.23 3.14 26.46
N ALA B 253 -21.68 2.02 27.01
CA ALA B 253 -20.77 0.93 27.37
C ALA B 253 -19.94 0.48 26.18
N ALA B 254 -20.62 0.11 25.08
CA ALA B 254 -19.92 -0.22 23.85
C ALA B 254 -18.95 0.88 23.42
N ARG B 255 -19.36 2.14 23.58
CA ARG B 255 -18.49 3.26 23.21
C ARG B 255 -17.26 3.31 24.09
N ARG B 256 -17.45 3.24 25.41
CA ARG B 256 -16.33 3.26 26.35
C ARG B 256 -15.30 2.19 26.02
N ILE B 257 -15.76 0.95 25.84
CA ILE B 257 -14.84 -0.15 25.57
C ILE B 257 -14.13 0.07 24.23
N ASP B 258 -14.85 0.61 23.24
CA ASP B 258 -14.23 0.90 21.96
C ASP B 258 -13.21 2.03 22.08
N ALA B 259 -13.45 2.98 22.98
CA ALA B 259 -12.54 4.11 23.14
C ALA B 259 -11.22 3.68 23.79
N VAL B 260 -11.29 2.94 24.89
CA VAL B 260 -10.10 2.57 25.63
C VAL B 260 -9.45 1.29 25.12
N GLY B 261 -10.19 0.46 24.39
CA GLY B 261 -9.65 -0.78 23.89
C GLY B 261 -9.13 -0.71 22.47
N ASN B 262 -9.80 0.09 21.63
CA ASN B 262 -9.49 0.13 20.20
C ASN B 262 -9.00 1.50 19.76
N ARG B 263 -9.78 2.56 19.97
CA ARG B 263 -9.46 3.86 19.40
C ARG B 263 -8.30 4.57 20.10
N VAL B 264 -7.69 3.96 21.11
CA VAL B 264 -6.42 4.47 21.61
C VAL B 264 -5.28 4.12 20.67
N TRP B 265 -5.49 3.16 19.77
CA TRP B 265 -4.52 2.82 18.72
C TRP B 265 -4.93 3.38 17.37
N LEU B 266 -6.16 3.11 16.93
CA LEU B 266 -6.63 3.60 15.64
C LEU B 266 -6.57 5.12 15.56
N GLY B 267 -6.90 5.79 16.67
CA GLY B 267 -6.91 7.24 16.71
C GLY B 267 -5.56 7.86 16.39
N PRO B 268 -4.59 7.70 17.30
CA PRO B 268 -3.29 8.35 17.08
C PRO B 268 -2.55 7.85 15.86
N ILE B 269 -2.72 6.58 15.48
CA ILE B 269 -1.93 6.03 14.38
C ILE B 269 -2.53 6.42 13.03
N LEU B 270 -3.85 6.35 12.89
CA LEU B 270 -4.52 6.63 11.62
C LEU B 270 -5.04 8.06 11.53
N ASP B 271 -5.56 8.62 12.62
CA ASP B 271 -6.11 9.97 12.61
C ASP B 271 -5.16 11.00 13.18
N GLY B 272 -4.07 10.58 13.84
CA GLY B 272 -3.10 11.52 14.34
C GLY B 272 -3.47 12.21 15.63
N ALA B 273 -4.44 11.69 16.38
CA ALA B 273 -4.83 12.30 17.64
C ALA B 273 -5.62 11.28 18.46
N TYR B 274 -5.50 11.40 19.79
CA TYR B 274 -6.31 10.59 20.66
C TYR B 274 -7.75 11.10 20.66
N PRO B 275 -8.75 10.23 20.62
CA PRO B 275 -10.13 10.69 20.66
C PRO B 275 -10.42 11.40 21.97
N GLN B 276 -11.18 12.50 21.87
CA GLN B 276 -11.47 13.30 23.05
C GLN B 276 -12.25 12.51 24.09
N ASP B 277 -13.08 11.56 23.66
CA ASP B 277 -13.91 10.82 24.61
C ASP B 277 -13.08 9.86 25.46
N VAL B 278 -12.03 9.26 24.89
CA VAL B 278 -11.17 8.40 25.69
C VAL B 278 -10.29 9.23 26.61
N LEU B 279 -9.94 10.46 26.19
CA LEU B 279 -9.24 11.36 27.09
C LEU B 279 -10.11 11.73 28.29
N ALA B 280 -11.43 11.83 28.08
CA ALA B 280 -12.33 12.13 29.18
C ALA B 280 -12.53 10.93 30.10
N ASP B 281 -12.76 9.75 29.50
CA ASP B 281 -13.02 8.55 30.30
C ASP B 281 -11.85 8.22 31.22
N THR B 282 -10.62 8.52 30.81
CA THR B 282 -9.43 8.14 31.56
C THR B 282 -8.67 9.33 32.14
N GLY B 283 -9.14 10.55 31.90
CA GLY B 283 -8.43 11.73 32.36
C GLY B 283 -8.11 11.72 33.85
N HIS B 284 -8.99 11.13 34.66
CA HIS B 284 -8.77 11.10 36.10
C HIS B 284 -7.68 10.12 36.53
N LEU B 285 -7.25 9.22 35.63
CA LEU B 285 -6.27 8.20 35.98
C LEU B 285 -4.86 8.48 35.47
N VAL B 286 -4.69 9.45 34.57
CA VAL B 286 -3.37 9.76 34.04
C VAL B 286 -3.38 11.18 33.48
N ASP B 287 -2.25 11.86 33.60
CA ASP B 287 -2.10 13.24 33.12
C ASP B 287 -1.64 13.19 31.66
N TRP B 288 -2.59 13.31 30.74
CA TRP B 288 -2.26 13.21 29.32
C TRP B 288 -1.40 14.37 28.84
N ASP B 289 -1.49 15.54 29.48
CA ASP B 289 -0.73 16.69 29.02
C ASP B 289 0.77 16.52 29.24
N ARG B 290 1.17 15.84 30.32
CA ARG B 290 2.57 15.53 30.53
C ARG B 290 3.01 14.26 29.81
N LEU B 291 2.08 13.34 29.57
CA LEU B 291 2.42 12.09 28.89
C LEU B 291 2.72 12.33 27.42
N VAL B 292 1.79 12.95 26.71
CA VAL B 292 1.96 13.23 25.29
C VAL B 292 2.79 14.50 25.16
N ARG B 293 4.00 14.36 24.62
CA ARG B 293 4.91 15.49 24.44
C ARG B 293 4.86 15.97 22.99
N ASP B 294 5.52 17.10 22.75
CA ASP B 294 5.53 17.70 21.42
C ASP B 294 6.25 16.78 20.44
N GLY B 295 5.55 16.39 19.37
CA GLY B 295 6.13 15.56 18.34
C GLY B 295 5.71 14.10 18.40
N ASP B 296 5.07 13.68 19.50
CA ASP B 296 4.72 12.27 19.64
C ASP B 296 3.71 11.84 18.59
N LEU B 297 2.66 12.63 18.39
CA LEU B 297 1.60 12.21 17.47
C LEU B 297 2.06 12.27 16.02
N GLU B 298 2.93 13.21 15.68
CA GLU B 298 3.55 13.19 14.35
C GLU B 298 4.32 11.88 14.14
N GLU B 299 5.03 11.42 15.16
CA GLU B 299 5.73 10.15 15.07
C GLU B 299 4.75 8.98 14.98
N ILE B 300 3.75 8.97 15.86
CA ILE B 300 2.83 7.84 15.94
C ILE B 300 2.03 7.69 14.66
N SER B 301 1.74 8.79 13.96
CA SER B 301 0.82 8.79 12.84
C SER B 301 1.54 8.73 11.50
N ARG B 302 2.77 8.25 11.47
CA ARG B 302 3.46 8.03 10.20
C ARG B 302 2.62 7.13 9.30
N PRO B 303 2.56 7.40 7.99
CA PRO B 303 1.80 6.52 7.10
C PRO B 303 2.27 5.08 7.18
N ILE B 304 1.30 4.17 7.25
CA ILE B 304 1.56 2.74 7.27
C ILE B 304 0.99 2.14 5.99
N ASP B 305 1.44 0.93 5.68
CA ASP B 305 1.06 0.27 4.43
C ASP B 305 -0.02 -0.78 4.60
N LEU B 306 -0.29 -1.24 5.82
CA LEU B 306 -1.14 -2.40 6.01
C LEU B 306 -1.58 -2.46 7.45
N LEU B 307 -2.80 -2.94 7.67
CA LEU B 307 -3.34 -3.14 9.01
C LEU B 307 -3.54 -4.63 9.26
N GLY B 308 -2.92 -5.14 10.32
CA GLY B 308 -3.09 -6.52 10.73
C GLY B 308 -4.20 -6.66 11.75
N ILE B 309 -5.17 -7.52 11.46
CA ILE B 309 -6.36 -7.70 12.28
C ILE B 309 -6.30 -9.08 12.92
N ASN B 310 -6.40 -9.13 14.24
CA ASN B 310 -6.55 -10.37 15.00
C ASN B 310 -7.97 -10.42 15.56
N TYR B 311 -8.72 -11.45 15.17
CA TYR B 311 -10.08 -11.66 15.66
C TYR B 311 -10.25 -13.11 16.10
N TYR B 312 -10.97 -13.30 17.21
CA TYR B 312 -11.25 -14.63 17.72
C TYR B 312 -12.70 -14.77 18.16
N THR B 313 -13.22 -13.76 18.88
CA THR B 313 -14.55 -13.84 19.47
C THR B 313 -15.08 -12.43 19.66
N PRO B 314 -16.39 -12.23 19.58
CA PRO B 314 -16.96 -10.89 19.80
C PRO B 314 -16.92 -10.51 21.28
N THR B 315 -17.20 -9.24 21.53
CA THR B 315 -17.25 -8.67 22.87
C THR B 315 -18.66 -8.16 23.13
N LEU B 316 -19.30 -8.68 24.18
CA LEU B 316 -20.66 -8.33 24.54
C LEU B 316 -20.65 -7.56 25.86
N VAL B 317 -21.11 -6.32 25.83
CA VAL B 317 -21.03 -5.43 26.99
C VAL B 317 -22.43 -4.91 27.33
N SER B 318 -22.56 -4.46 28.58
CA SER B 318 -23.78 -3.82 29.05
C SER B 318 -23.43 -2.92 30.23
N ASP B 319 -24.34 -1.98 30.53
CA ASP B 319 -24.16 -1.09 31.67
C ASP B 319 -24.23 -1.88 32.98
N GLY B 320 -23.06 -2.04 33.62
CA GLY B 320 -22.95 -2.81 34.85
C GLY B 320 -23.45 -2.10 36.09
N ARG B 321 -23.61 -0.79 36.05
CA ARG B 321 -24.02 -0.04 37.24
C ARG B 321 -25.41 -0.46 37.69
N ALA B 322 -25.48 -1.01 38.90
CA ALA B 322 -26.72 -1.53 39.45
C ALA B 322 -26.72 -1.42 40.97
N HIS B 340 -8.85 -6.13 39.64
CA HIS B 340 -8.08 -5.26 38.75
C HIS B 340 -8.58 -5.40 37.32
N SER B 341 -8.97 -4.26 36.73
CA SER B 341 -9.64 -4.25 35.44
C SER B 341 -8.70 -3.80 34.33
N PRO B 342 -8.78 -4.44 33.16
CA PRO B 342 -7.96 -4.01 32.03
C PRO B 342 -8.63 -2.91 31.21
N TRP B 343 -9.63 -2.25 31.78
CA TRP B 343 -10.34 -1.15 31.12
C TRP B 343 -10.38 0.03 32.07
N PRO B 344 -9.31 0.83 32.11
CA PRO B 344 -9.29 2.00 33.01
C PRO B 344 -10.40 2.98 32.67
N GLY B 345 -11.11 3.44 33.70
CA GLY B 345 -12.18 4.40 33.53
C GLY B 345 -13.52 3.81 33.18
N SER B 346 -13.60 2.52 32.86
CA SER B 346 -14.84 1.85 32.49
C SER B 346 -15.00 0.56 33.27
N GLU B 347 -14.55 0.55 34.53
CA GLU B 347 -14.67 -0.64 35.36
C GLU B 347 -16.12 -1.01 35.61
N HIS B 348 -17.05 -0.07 35.45
CA HIS B 348 -18.46 -0.33 35.67
C HIS B 348 -19.12 -1.06 34.51
N VAL B 349 -18.38 -1.41 33.47
CA VAL B 349 -18.94 -2.07 32.29
C VAL B 349 -18.95 -3.58 32.56
N ALA B 350 -20.13 -4.19 32.42
CA ALA B 350 -20.27 -5.63 32.56
C ALA B 350 -20.06 -6.29 31.20
N PHE B 351 -19.38 -7.45 31.22
CA PHE B 351 -19.12 -8.23 30.02
C PHE B 351 -19.88 -9.55 30.09
N HIS B 352 -20.32 -10.03 28.92
CA HIS B 352 -21.15 -11.21 28.82
C HIS B 352 -20.63 -12.12 27.72
N LEU B 353 -20.87 -13.42 27.89
CA LEU B 353 -20.51 -14.40 26.88
C LEU B 353 -21.49 -14.31 25.71
N ALA B 354 -20.99 -13.91 24.54
CA ALA B 354 -21.83 -13.81 23.36
C ALA B 354 -22.44 -15.18 23.03
N PRO B 355 -23.64 -15.20 22.45
CA PRO B 355 -24.27 -16.49 22.14
C PRO B 355 -23.53 -17.24 21.04
N GLY B 356 -23.79 -18.54 21.00
CA GLY B 356 -23.18 -19.43 20.03
C GLY B 356 -22.37 -20.51 20.71
N GLU B 357 -21.70 -21.31 19.89
CA GLU B 357 -20.82 -22.35 20.41
C GLU B 357 -19.58 -21.73 21.05
N THR B 358 -18.90 -22.53 21.87
CA THR B 358 -17.70 -22.08 22.57
C THR B 358 -16.53 -22.97 22.22
N THR B 359 -15.35 -22.36 22.11
CA THR B 359 -14.11 -23.10 21.94
C THR B 359 -13.60 -23.56 23.30
N ALA B 360 -12.43 -24.21 23.31
CA ALA B 360 -11.82 -24.62 24.56
C ALA B 360 -11.45 -23.43 25.44
N MET B 361 -11.33 -22.25 24.86
CA MET B 361 -11.13 -21.01 25.62
C MET B 361 -12.42 -20.48 26.23
N ARG B 362 -13.54 -21.17 26.05
CA ARG B 362 -14.86 -20.64 26.37
C ARG B 362 -15.09 -19.28 25.70
N TRP B 363 -14.68 -19.20 24.43
CA TRP B 363 -14.91 -18.03 23.61
C TRP B 363 -16.06 -18.29 22.63
N ALA B 364 -16.88 -17.27 22.42
CA ALA B 364 -18.03 -17.41 21.53
C ALA B 364 -17.57 -17.58 20.09
N VAL B 365 -18.22 -18.48 19.37
CA VAL B 365 -17.96 -18.70 17.95
C VAL B 365 -19.00 -17.94 17.16
N ASP B 366 -18.59 -16.81 16.58
CA ASP B 366 -19.51 -15.96 15.82
C ASP B 366 -18.71 -15.32 14.69
N ALA B 367 -18.83 -15.89 13.48
CA ALA B 367 -18.07 -15.39 12.34
C ALA B 367 -18.55 -14.01 11.89
N SER B 368 -19.76 -13.60 12.29
CA SER B 368 -20.25 -12.27 11.94
C SER B 368 -19.38 -11.17 12.53
N GLY B 369 -18.75 -11.44 13.68
CA GLY B 369 -17.85 -10.45 14.26
C GLY B 369 -16.67 -10.14 13.36
N LEU B 370 -16.14 -11.17 12.67
CA LEU B 370 -15.07 -10.95 11.71
C LEU B 370 -15.54 -10.05 10.57
N TYR B 371 -16.68 -10.38 9.97
CA TYR B 371 -17.25 -9.55 8.90
C TYR B 371 -17.45 -8.11 9.37
N ASP B 372 -18.09 -7.94 10.54
CA ASP B 372 -18.35 -6.60 11.05
C ASP B 372 -17.05 -5.83 11.27
N LEU B 373 -16.05 -6.48 11.86
CA LEU B 373 -14.78 -5.81 12.12
C LEU B 373 -14.10 -5.40 10.80
N LEU B 374 -14.12 -6.28 9.81
CA LEU B 374 -13.54 -5.94 8.51
C LEU B 374 -14.32 -4.81 7.84
N MET B 375 -15.65 -4.86 7.90
CA MET B 375 -16.46 -3.82 7.27
C MET B 375 -16.29 -2.49 7.96
N ARG B 376 -16.16 -2.48 9.29
CA ARG B 376 -15.94 -1.24 10.02
C ARG B 376 -14.70 -0.50 9.50
N ILE B 377 -13.56 -1.19 9.47
CA ILE B 377 -12.33 -0.55 9.01
C ILE B 377 -12.45 -0.14 7.55
N HIS B 378 -13.19 -0.90 6.75
CA HIS B 378 -13.46 -0.49 5.37
C HIS B 378 -14.25 0.80 5.33
N ARG B 379 -15.29 0.91 6.15
CA ARG B 379 -16.11 2.13 6.15
C ARG B 379 -15.35 3.30 6.75
N GLU B 380 -14.60 3.06 7.83
CA GLU B 380 -13.91 4.15 8.53
C GLU B 380 -12.58 4.52 7.90
N HIS B 381 -11.93 3.59 7.19
CA HIS B 381 -10.66 3.84 6.54
C HIS B 381 -10.66 3.14 5.19
N PRO B 382 -11.27 3.76 4.18
CA PRO B 382 -11.47 3.05 2.90
C PRO B 382 -10.19 2.77 2.14
N GLY B 383 -9.09 3.44 2.46
CA GLY B 383 -7.86 3.27 1.72
C GLY B 383 -6.80 2.40 2.37
N LEU B 384 -7.07 1.88 3.57
CA LEU B 384 -6.06 1.12 4.31
C LEU B 384 -6.24 -0.37 4.03
N PRO B 385 -5.30 -1.02 3.34
CA PRO B 385 -5.42 -2.46 3.14
C PRO B 385 -5.33 -3.23 4.45
N MET B 386 -5.97 -4.39 4.48
CA MET B 386 -6.07 -5.22 5.67
C MET B 386 -5.55 -6.62 5.41
N MET B 387 -5.06 -7.26 6.46
CA MET B 387 -4.76 -8.69 6.46
C MET B 387 -5.15 -9.27 7.81
N VAL B 388 -5.87 -10.39 7.79
CA VAL B 388 -6.18 -11.11 9.02
C VAL B 388 -4.93 -11.82 9.50
N THR B 389 -4.19 -11.18 10.42
CA THR B 389 -2.90 -11.71 10.85
C THR B 389 -3.04 -12.85 11.85
N GLU B 390 -4.16 -12.96 12.56
CA GLU B 390 -4.42 -14.08 13.45
C GLU B 390 -5.90 -14.41 13.44
N ASN B 391 -6.20 -15.70 13.36
CA ASN B 391 -7.57 -16.21 13.49
C ASN B 391 -7.52 -17.72 13.70
N GLY B 392 -8.14 -18.20 14.78
CA GLY B 392 -8.13 -19.61 15.05
C GLY B 392 -9.02 -19.94 16.23
N ALA B 393 -8.87 -21.17 16.72
CA ALA B 393 -9.70 -21.64 17.81
C ALA B 393 -8.98 -22.78 18.52
N ALA B 394 -9.19 -22.86 19.83
CA ALA B 394 -8.63 -23.93 20.65
C ALA B 394 -9.68 -25.01 20.88
N TYR B 395 -9.27 -26.27 20.75
CA TYR B 395 -10.16 -27.40 20.99
C TYR B 395 -9.38 -28.52 21.66
N ASP B 396 -10.13 -29.44 22.27
CA ASP B 396 -9.54 -30.57 23.00
C ASP B 396 -9.04 -31.60 21.99
N ASP B 397 -7.86 -31.34 21.45
CA ASP B 397 -7.24 -32.24 20.49
C ASP B 397 -6.58 -33.42 21.20
N TYR B 398 -6.72 -34.60 20.62
CA TYR B 398 -6.13 -35.80 21.18
C TYR B 398 -5.75 -36.75 20.04
N ILE B 399 -4.75 -37.58 20.29
CA ILE B 399 -4.33 -38.61 19.34
C ILE B 399 -5.15 -39.87 19.63
N SER B 400 -5.89 -40.32 18.63
CA SER B 400 -6.67 -41.54 18.78
C SER B 400 -5.75 -42.76 18.77
N PRO B 401 -6.24 -43.90 19.25
CA PRO B 401 -5.42 -45.14 19.15
C PRO B 401 -5.02 -45.48 17.73
N GLU B 402 -5.69 -44.92 16.73
CA GLU B 402 -5.31 -45.11 15.33
C GLU B 402 -4.34 -44.04 14.84
N GLY B 403 -3.81 -43.21 15.74
CA GLY B 403 -2.86 -42.19 15.36
C GLY B 403 -3.44 -41.00 14.65
N ALA B 404 -4.75 -40.78 14.74
CA ALA B 404 -5.41 -39.67 14.07
C ALA B 404 -5.76 -38.58 15.07
N ILE B 405 -5.64 -37.34 14.63
CA ILE B 405 -6.05 -36.17 15.41
C ILE B 405 -7.15 -35.47 14.61
N ASN B 406 -8.40 -35.80 14.94
CA ASN B 406 -9.56 -35.31 14.20
C ASN B 406 -10.12 -34.08 14.91
N ASP B 407 -10.08 -32.94 14.23
CA ASP B 407 -10.59 -31.69 14.77
C ASP B 407 -11.58 -31.06 13.78
N PRO B 408 -12.73 -31.70 13.58
CA PRO B 408 -13.72 -31.12 12.66
C PRO B 408 -14.27 -29.79 13.14
N ASP B 409 -14.29 -29.55 14.45
CA ASP B 409 -14.75 -28.26 14.96
C ASP B 409 -13.85 -27.12 14.52
N ARG B 410 -12.54 -27.38 14.40
CA ARG B 410 -11.64 -26.34 13.92
C ARG B 410 -11.86 -26.07 12.43
N ILE B 411 -12.14 -27.11 11.65
CA ILE B 411 -12.49 -26.92 10.25
C ILE B 411 -13.77 -26.11 10.13
N ALA B 412 -14.78 -26.46 10.93
CA ALA B 412 -16.03 -25.70 10.96
C ALA B 412 -15.76 -24.22 11.29
N TYR B 413 -14.94 -23.97 12.31
CA TYR B 413 -14.59 -22.60 12.67
C TYR B 413 -13.94 -21.88 11.50
N LEU B 414 -12.93 -22.50 10.88
CA LEU B 414 -12.20 -21.84 9.81
C LEU B 414 -13.09 -21.65 8.59
N ARG B 415 -13.86 -22.67 8.21
CA ARG B 415 -14.81 -22.54 7.11
C ARG B 415 -15.80 -21.41 7.38
N GLY B 416 -16.29 -21.30 8.60
CA GLY B 416 -17.19 -20.20 8.94
C GLY B 416 -16.54 -18.84 8.79
N HIS B 417 -15.39 -18.65 9.46
CA HIS B 417 -14.77 -17.33 9.46
C HIS B 417 -14.20 -16.94 8.10
N LEU B 418 -13.76 -17.91 7.31
CA LEU B 418 -13.28 -17.59 5.97
C LEU B 418 -14.42 -17.20 5.03
N SER B 419 -15.63 -17.69 5.30
CA SER B 419 -16.80 -17.20 4.59
C SER B 419 -17.04 -15.73 4.89
N ALA B 420 -16.86 -15.33 6.14
CA ALA B 420 -17.01 -13.92 6.51
C ALA B 420 -16.03 -13.05 5.75
N VAL B 421 -14.77 -13.48 5.66
CA VAL B 421 -13.78 -12.74 4.88
C VAL B 421 -14.20 -12.68 3.42
N HIS B 422 -14.71 -13.78 2.88
CA HIS B 422 -15.18 -13.80 1.49
C HIS B 422 -16.33 -12.83 1.30
N ARG B 423 -17.30 -12.85 2.23
CA ARG B 423 -18.45 -11.96 2.13
C ARG B 423 -18.03 -10.51 2.30
N ALA B 424 -17.12 -10.23 3.23
CA ALA B 424 -16.57 -8.89 3.38
C ALA B 424 -15.87 -8.43 2.11
N LEU B 425 -14.99 -9.29 1.56
CA LEU B 425 -14.34 -9.00 0.29
C LEU B 425 -15.36 -8.65 -0.79
N ALA B 426 -16.40 -9.48 -0.92
CA ALA B 426 -17.43 -9.22 -1.92
C ALA B 426 -18.13 -7.88 -1.69
N ASP B 427 -18.22 -7.43 -0.45
CA ASP B 427 -18.86 -6.17 -0.11
C ASP B 427 -17.91 -4.99 -0.13
N GLY B 428 -16.71 -5.16 -0.68
CA GLY B 428 -15.78 -4.06 -0.87
C GLY B 428 -14.62 -3.99 0.10
N ALA B 429 -14.52 -4.92 1.04
CA ALA B 429 -13.40 -4.90 1.98
C ALA B 429 -12.11 -5.26 1.28
N ASP B 430 -11.04 -4.53 1.61
CA ASP B 430 -9.73 -4.73 0.98
C ASP B 430 -8.90 -5.63 1.89
N VAL B 431 -9.18 -6.92 1.81
CA VAL B 431 -8.48 -7.94 2.59
C VAL B 431 -7.47 -8.63 1.68
N ARG B 432 -6.20 -8.61 2.09
CA ARG B 432 -5.12 -9.09 1.23
C ARG B 432 -4.58 -10.45 1.65
N GLY B 433 -4.71 -10.83 2.92
CA GLY B 433 -4.17 -12.09 3.37
C GLY B 433 -4.88 -12.59 4.61
N TYR B 434 -4.73 -13.89 4.85
CA TYR B 434 -5.29 -14.56 6.02
C TYR B 434 -4.23 -15.45 6.64
N PHE B 435 -4.05 -15.34 7.95
CA PHE B 435 -3.03 -16.10 8.67
C PHE B 435 -3.72 -16.88 9.79
N LEU B 436 -3.55 -18.21 9.76
CA LEU B 436 -4.14 -19.06 10.77
C LEU B 436 -3.27 -19.11 12.02
N TRP B 437 -3.89 -18.89 13.19
CA TRP B 437 -3.24 -19.11 14.47
C TRP B 437 -3.75 -20.42 15.04
N SER B 438 -2.87 -21.40 15.16
CA SER B 438 -1.47 -21.23 14.79
C SER B 438 -0.98 -22.35 13.89
N LEU B 439 0.28 -22.25 13.47
CA LEU B 439 0.92 -23.35 12.77
C LEU B 439 1.07 -24.57 13.69
N LEU B 440 1.51 -24.34 14.92
CA LEU B 440 1.79 -25.40 15.89
C LEU B 440 0.99 -25.16 17.16
N ASP B 441 0.78 -26.24 17.91
CA ASP B 441 0.36 -26.09 19.30
C ASP B 441 1.41 -25.29 20.06
N ASN B 442 0.96 -24.51 21.03
CA ASN B 442 1.80 -23.43 21.53
C ASN B 442 1.71 -23.29 23.04
N PHE B 443 2.67 -22.54 23.57
CA PHE B 443 2.62 -22.02 24.93
C PHE B 443 1.63 -20.86 24.91
N GLU B 444 0.39 -21.12 25.33
CA GLU B 444 -0.65 -20.11 25.24
C GLU B 444 -0.64 -19.21 26.47
N TRP B 445 0.54 -18.60 26.69
CA TRP B 445 0.73 -17.57 27.70
C TRP B 445 0.27 -18.06 29.07
N ALA B 446 -0.67 -17.34 29.69
CA ALA B 446 -1.10 -17.70 31.04
C ALA B 446 -1.74 -19.09 31.10
N TYR B 447 -2.25 -19.60 29.97
CA TYR B 447 -2.81 -20.94 29.93
C TYR B 447 -1.76 -22.03 29.79
N GLY B 448 -0.48 -21.68 29.72
CA GLY B 448 0.55 -22.66 29.48
C GLY B 448 0.30 -23.43 28.19
N TYR B 449 0.48 -24.75 28.26
CA TYR B 449 0.28 -25.64 27.12
C TYR B 449 -1.07 -26.36 27.15
N SER B 450 -2.00 -25.87 27.98
CA SER B 450 -3.30 -26.51 28.12
C SER B 450 -4.27 -26.18 26.99
N LYS B 451 -3.91 -25.28 26.08
CA LYS B 451 -4.79 -24.87 25.00
C LYS B 451 -4.04 -24.97 23.68
N ARG B 452 -4.63 -25.69 22.72
CA ARG B 452 -3.99 -26.02 21.46
C ARG B 452 -4.69 -25.28 20.31
N PHE B 453 -3.98 -24.36 19.67
CA PHE B 453 -4.50 -23.61 18.55
C PHE B 453 -3.97 -24.10 17.20
N GLY B 454 -2.89 -24.86 17.20
CA GLY B 454 -2.21 -25.16 15.95
C GLY B 454 -2.99 -26.10 15.06
N ALA B 455 -2.76 -25.96 13.75
CA ALA B 455 -3.21 -26.96 12.78
C ALA B 455 -2.33 -28.20 12.80
N VAL B 456 -1.13 -28.10 13.34
CA VAL B 456 -0.21 -29.23 13.48
C VAL B 456 -0.08 -29.54 14.97
N TYR B 457 -0.49 -30.74 15.35
CA TYR B 457 -0.36 -31.17 16.74
C TYR B 457 1.12 -31.29 17.11
N VAL B 458 1.44 -30.92 18.35
CA VAL B 458 2.79 -31.02 18.88
C VAL B 458 2.74 -31.82 20.18
N ASP B 459 3.37 -32.99 20.18
CA ASP B 459 3.55 -33.77 21.41
C ASP B 459 4.79 -33.22 22.11
N PHE B 460 4.57 -32.35 23.10
CA PHE B 460 5.68 -31.67 23.75
C PHE B 460 6.63 -32.64 24.46
N GLY B 461 6.12 -33.81 24.84
CA GLY B 461 6.97 -34.81 25.45
C GLY B 461 8.10 -35.25 24.54
N THR B 462 7.80 -35.42 23.24
CA THR B 462 8.78 -35.85 22.26
C THR B 462 9.08 -34.82 21.19
N GLN B 463 8.35 -33.69 21.16
CA GLN B 463 8.48 -32.64 20.16
C GLN B 463 8.04 -33.10 18.78
N ARG B 464 7.37 -34.25 18.68
CA ARG B 464 6.90 -34.75 17.40
C ARG B 464 5.83 -33.84 16.81
N ARG B 465 5.96 -33.57 15.51
CA ARG B 465 4.97 -32.78 14.79
C ARG B 465 4.00 -33.74 14.11
N ILE B 466 2.69 -33.51 14.29
CA ILE B 466 1.69 -34.35 13.65
C ILE B 466 0.61 -33.47 13.05
N PRO B 467 0.37 -33.51 11.74
CA PRO B 467 -0.70 -32.70 11.15
C PRO B 467 -2.07 -33.16 11.61
N LYS B 468 -2.90 -32.20 12.01
CA LYS B 468 -4.29 -32.49 12.35
C LYS B 468 -5.15 -32.54 11.10
N GLN B 469 -6.40 -32.97 11.28
CA GLN B 469 -7.34 -33.01 10.16
C GLN B 469 -7.51 -31.64 9.53
N SER B 470 -7.37 -30.56 10.32
CA SER B 470 -7.50 -29.22 9.77
C SER B 470 -6.33 -28.85 8.87
N ALA B 471 -5.15 -29.42 9.14
CA ALA B 471 -3.98 -29.13 8.31
C ALA B 471 -4.20 -29.59 6.87
N HIS B 472 -4.82 -30.77 6.69
CA HIS B 472 -5.13 -31.22 5.35
C HIS B 472 -6.18 -30.33 4.68
N TRP B 473 -7.16 -29.87 5.47
CA TRP B 473 -8.20 -29.00 4.92
C TRP B 473 -7.65 -27.63 4.56
N TYR B 474 -6.81 -27.06 5.43
CA TYR B 474 -6.27 -25.74 5.17
C TYR B 474 -5.23 -25.77 4.04
N ALA B 475 -4.54 -26.90 3.87
CA ALA B 475 -3.57 -27.01 2.78
C ALA B 475 -4.27 -26.92 1.42
N ALA B 476 -5.46 -27.51 1.30
CA ALA B 476 -6.22 -27.39 0.07
C ALA B 476 -6.64 -25.95 -0.19
N VAL B 477 -7.01 -25.23 0.87
CA VAL B 477 -7.40 -23.82 0.72
C VAL B 477 -6.23 -23.00 0.21
N ALA B 478 -5.07 -23.11 0.87
CA ALA B 478 -3.89 -22.36 0.46
C ALA B 478 -3.42 -22.75 -0.93
N ARG B 479 -3.74 -23.96 -1.39
CA ARG B 479 -3.31 -24.46 -2.69
C ARG B 479 -4.27 -24.06 -3.81
N ASP B 480 -5.58 -24.10 -3.57
CA ASP B 480 -6.56 -23.84 -4.61
C ASP B 480 -7.19 -22.47 -4.53
N ASN B 481 -6.96 -21.73 -3.44
CA ASN B 481 -7.60 -20.43 -3.22
C ASN B 481 -9.12 -20.54 -3.21
N VAL B 482 -9.63 -21.71 -2.84
CA VAL B 482 -11.06 -21.99 -2.81
C VAL B 482 -11.37 -22.74 -1.53
N LEU B 483 -12.59 -22.52 -1.01
CA LEU B 483 -13.03 -23.19 0.21
C LEU B 483 -13.75 -24.48 -0.16
N PRO B 484 -13.28 -25.65 0.29
CA PRO B 484 -13.93 -26.94 0.05
C PRO B 484 -15.36 -27.00 0.59
#